data_8BBY
#
_entry.id   8BBY
#
_cell.length_a   108.926
_cell.length_b   131.291
_cell.length_c   138.269
_cell.angle_alpha   90.000
_cell.angle_beta   108.780
_cell.angle_gamma   90.000
#
_symmetry.space_group_name_H-M   'C 1 2 1'
#
loop_
_entity.id
_entity.type
_entity.pdbx_description
1 polymer 'S-layer protein'
2 polymer 'S-layer protein'
3 non-polymer 'SODIUM ION'
4 water water
#
loop_
_entity_poly.entity_id
_entity_poly.type
_entity_poly.pdbx_seq_one_letter_code
_entity_poly.pdbx_strand_id
1 'polypeptide(L)'
;AEDMSKVETGDQGYTVVQSKYKKAVEQLQKGLLDGSITEIKIFFEGTLASTIKVGAELSLVQKMQVNYCLHKVDNKLDNL
GDGDYVDFLISSPAEGDKVTTSKLVALKNLTGGTSAIKVATSSIIGEVENAGTPGAKNTAPSSAAVMSMSDVFDTAFTDS
TETAVKLTIKDAMKTKKFGLVDGTTYSTGLQFADGKTEKIVKLGDSDTINLAKELIITPASANDQAATIEFAKPTTQSGS
PVITKLRILNAKEETIDIDASSSKTAQDLAKKYVFNKTDLNTLYRVLNGDEADTNRLVEEVSGKYQVVLYPEGKRVTTKS
;
A,C
2 'polypeptide(L)'
;AAKASIADENSPVKLTLKSDKKKDLKDYVDDLRTYNNGYSNAIEVAGEDRIETAIALSQKYYNSDDENAIFRDSVDNVVL
VGGNAIVDGLVASPLASEKKAPLLLTSKDKLDSSVKAEIKRVMNIKSTTGINTSKKVYLAGGVNSISKEVENELKDMGLK
VTRLAGDDRYETSLKIADEVGLDNDKAFVVGGTGLADAMSIAPVASQLRNANGKMDLADGDATPIVVVDGKAKTINDDVK
DFLDDSQVDIIGGENSVSKDVENAIDDATGKSPDRYSGDDRQATNAKVIKESSYYQDNLNNDKKVVNFFVAKDGSTKEDQ
LVDALAAAPVAANFGVTLNSDGKPVDKDGKVLTGSDNDKNKLVSPAPIVLATDSLSSDQSVSISKVLDKDNGENLVQVGK
GIATSVINKLKDLLSM
;
B,D
#
# COMPACT_ATOMS: atom_id res chain seq x y z
N MET A 4 20.55 -17.35 19.47
CA MET A 4 20.11 -18.60 18.86
C MET A 4 19.14 -19.34 19.75
N SER A 5 18.96 -18.85 20.98
CA SER A 5 18.04 -19.45 21.94
C SER A 5 16.62 -18.95 21.69
N LYS A 6 16.11 -19.26 20.49
CA LYS A 6 14.78 -18.85 20.07
C LYS A 6 14.33 -19.77 18.94
N VAL A 7 13.07 -20.16 18.97
CA VAL A 7 12.52 -21.11 18.00
C VAL A 7 12.00 -20.33 16.79
N GLU A 8 12.55 -20.66 15.62
CA GLU A 8 12.08 -20.08 14.36
C GLU A 8 12.46 -21.03 13.23
N THR A 9 11.83 -20.84 12.08
CA THR A 9 11.90 -21.80 10.99
C THR A 9 13.34 -22.11 10.59
N GLY A 10 13.63 -23.40 10.46
CA GLY A 10 14.97 -23.85 10.13
C GLY A 10 15.83 -24.22 11.32
N ASP A 11 15.40 -23.87 12.54
CA ASP A 11 16.20 -24.19 13.72
C ASP A 11 16.17 -25.68 14.00
N GLN A 12 17.31 -26.18 14.50
CA GLN A 12 17.43 -27.58 14.84
C GLN A 12 16.62 -27.89 16.10
N GLY A 13 15.76 -28.90 16.02
CA GLY A 13 14.90 -29.23 17.14
C GLY A 13 13.79 -30.18 16.75
N TYR A 14 12.66 -30.05 17.46
CA TYR A 14 11.51 -30.91 17.25
C TYR A 14 10.30 -30.07 16.82
N THR A 15 9.45 -30.66 15.98
CA THR A 15 8.24 -30.00 15.51
C THR A 15 7.05 -30.93 15.73
N VAL A 16 6.00 -30.41 16.34
CA VAL A 16 4.81 -31.17 16.68
C VAL A 16 3.59 -30.44 16.15
N VAL A 17 2.69 -31.18 15.49
CA VAL A 17 1.44 -30.60 15.03
C VAL A 17 0.53 -30.34 16.24
N GLN A 18 -0.33 -29.33 16.14
CA GLN A 18 -1.16 -28.92 17.27
C GLN A 18 -2.12 -30.02 17.71
N SER A 19 -2.35 -31.04 16.88
CA SER A 19 -3.23 -32.13 17.26
C SER A 19 -2.57 -33.13 18.22
N LYS A 20 -1.24 -33.13 18.30
CA LYS A 20 -0.50 -34.08 19.12
C LYS A 20 0.34 -33.37 20.18
N TYR A 21 -0.21 -32.30 20.76
CA TYR A 21 0.56 -31.49 21.70
C TYR A 21 0.50 -32.03 23.12
N LYS A 22 -0.60 -32.71 23.50
CA LYS A 22 -0.75 -33.15 24.88
C LYS A 22 0.30 -34.19 25.25
N LYS A 23 0.52 -35.17 24.38
CA LYS A 23 1.55 -36.18 24.66
C LYS A 23 2.93 -35.56 24.74
N ALA A 24 3.19 -34.52 23.95
CA ALA A 24 4.45 -33.79 24.09
C ALA A 24 4.57 -33.17 25.47
N VAL A 25 3.64 -32.27 25.82
CA VAL A 25 3.72 -31.56 27.10
C VAL A 25 3.58 -32.49 28.29
N GLU A 26 3.08 -33.71 28.10
CA GLU A 26 3.04 -34.66 29.22
C GLU A 26 4.43 -35.22 29.50
N GLN A 27 5.21 -35.50 28.45
CA GLN A 27 6.60 -35.88 28.63
C GLN A 27 7.45 -34.74 29.20
N LEU A 28 6.88 -33.54 29.31
CA LEU A 28 7.54 -32.38 29.89
C LEU A 28 7.36 -32.29 31.39
N GLN A 29 6.14 -32.52 31.89
CA GLN A 29 5.89 -32.46 33.32
C GLN A 29 6.61 -33.59 34.06
N LYS A 30 6.52 -34.81 33.51
CA LYS A 30 7.24 -35.94 34.08
C LYS A 30 8.76 -35.73 34.05
N GLY A 31 9.25 -34.85 33.17
CA GLY A 31 10.68 -34.64 33.08
C GLY A 31 11.29 -34.18 34.38
N LEU A 32 10.67 -33.21 35.05
CA LEU A 32 11.21 -32.62 36.27
C LEU A 32 12.65 -32.15 36.04
N LEU A 33 12.87 -31.52 34.89
CA LEU A 33 14.20 -31.14 34.41
C LEU A 33 15.08 -32.38 34.27
N ASP A 34 14.52 -33.42 33.65
CA ASP A 34 15.22 -34.68 33.38
C ASP A 34 15.51 -35.44 34.67
N GLY A 35 15.17 -34.87 35.81
CA GLY A 35 15.50 -35.45 37.10
C GLY A 35 14.58 -36.58 37.52
N GLU A 39 14.09 -25.95 33.06
CA GLU A 39 13.17 -24.85 32.77
C GLU A 39 12.44 -25.10 31.46
N ILE A 40 11.15 -24.76 31.40
CA ILE A 40 10.32 -24.99 30.22
C ILE A 40 9.72 -23.65 29.82
N LYS A 41 10.26 -23.05 28.77
CA LYS A 41 9.87 -21.72 28.31
C LYS A 41 8.88 -21.86 27.16
N ILE A 42 7.74 -21.17 27.27
CA ILE A 42 6.63 -21.33 26.34
C ILE A 42 6.39 -20.01 25.63
N PHE A 43 6.30 -20.05 24.30
CA PHE A 43 6.18 -18.87 23.46
C PHE A 43 4.91 -18.97 22.63
N PHE A 44 4.08 -17.92 22.67
CA PHE A 44 2.83 -17.86 21.91
C PHE A 44 3.07 -16.98 20.69
N GLU A 45 3.27 -17.61 19.52
CA GLU A 45 3.54 -16.91 18.27
C GLU A 45 4.77 -16.02 18.39
N GLY A 46 5.79 -16.50 19.10
CA GLY A 46 6.95 -15.70 19.40
C GLY A 46 6.77 -14.73 20.54
N THR A 47 5.57 -14.63 21.11
CA THR A 47 5.31 -13.78 22.27
C THR A 47 5.28 -14.63 23.53
N LEU A 48 5.80 -14.06 24.63
CA LEU A 48 5.98 -14.83 25.86
C LEU A 48 4.64 -15.18 26.49
N ALA A 49 4.55 -16.40 27.02
CA ALA A 49 3.39 -16.83 27.81
C ALA A 49 3.76 -17.41 29.16
N SER A 50 4.84 -18.18 29.25
CA SER A 50 5.21 -18.85 30.48
C SER A 50 6.71 -19.14 30.47
N THR A 51 7.33 -19.06 31.65
CA THR A 51 8.76 -19.29 31.82
C THR A 51 9.05 -20.63 32.48
N ILE A 52 8.35 -20.94 33.56
CA ILE A 52 8.50 -22.21 34.29
C ILE A 52 9.96 -22.59 34.52
N TYR A 68 -4.46 -23.83 36.28
CA TYR A 68 -3.00 -23.80 36.25
C TYR A 68 -2.52 -23.12 34.97
N CYS A 69 -1.26 -22.71 34.94
CA CYS A 69 -0.70 -22.10 33.73
C CYS A 69 -0.69 -23.09 32.58
N LEU A 70 -0.43 -24.36 32.88
CA LEU A 70 -0.44 -25.39 31.84
C LEU A 70 -1.80 -25.49 31.17
N HIS A 71 -2.88 -25.18 31.90
CA HIS A 71 -4.20 -25.08 31.28
C HIS A 71 -4.32 -23.86 30.38
N LYS A 72 -3.66 -22.75 30.75
CA LYS A 72 -3.62 -21.59 29.86
C LYS A 72 -2.94 -21.93 28.55
N VAL A 73 -1.79 -22.63 28.63
CA VAL A 73 -1.13 -23.11 27.42
C VAL A 73 -2.04 -24.09 26.69
N ASP A 74 -2.76 -24.92 27.45
CA ASP A 74 -3.70 -25.87 26.85
C ASP A 74 -4.75 -25.15 26.01
N ASN A 75 -5.33 -24.07 26.54
CA ASN A 75 -6.40 -23.37 25.83
C ASN A 75 -5.89 -22.68 24.57
N LYS A 76 -4.68 -22.12 24.61
CA LYS A 76 -4.10 -21.51 23.41
C LYS A 76 -3.94 -22.55 22.31
N LEU A 77 -3.32 -23.68 22.63
CA LEU A 77 -3.21 -24.78 21.69
C LEU A 77 -4.57 -25.38 21.34
N ASP A 78 -5.57 -25.19 22.20
CA ASP A 78 -6.90 -25.72 21.94
C ASP A 78 -7.60 -24.92 20.84
N ASN A 79 -7.39 -23.61 20.82
CA ASN A 79 -8.05 -22.71 19.87
C ASN A 79 -7.03 -22.03 18.96
N LEU A 80 -6.05 -22.79 18.50
CA LEU A 80 -5.08 -22.25 17.54
C LEU A 80 -5.75 -21.99 16.21
N GLY A 81 -5.31 -20.93 15.53
CA GLY A 81 -5.83 -20.55 14.24
C GLY A 81 -4.89 -20.91 13.10
N ASP A 82 -5.26 -20.41 11.91
CA ASP A 82 -4.56 -20.81 10.70
C ASP A 82 -3.09 -20.38 10.72
N GLY A 83 -2.80 -19.17 11.18
CA GLY A 83 -1.45 -18.66 11.18
C GLY A 83 -0.84 -18.56 12.55
N ASP A 84 -1.29 -19.40 13.48
CA ASP A 84 -0.90 -19.31 14.88
C ASP A 84 -0.07 -20.52 15.28
N TYR A 85 0.84 -20.32 16.24
CA TYR A 85 1.85 -21.32 16.56
C TYR A 85 2.40 -21.07 17.96
N VAL A 86 2.87 -22.15 18.59
CA VAL A 86 3.38 -22.15 19.95
C VAL A 86 4.75 -22.83 19.99
N ASP A 87 5.70 -22.22 20.69
CA ASP A 87 7.07 -22.70 20.74
C ASP A 87 7.46 -23.05 22.18
N PHE A 88 8.38 -24.00 22.31
CA PHE A 88 8.85 -24.48 23.60
C PHE A 88 10.37 -24.55 23.61
N LEU A 89 10.94 -24.48 24.82
CA LEU A 89 12.39 -24.54 24.98
C LEU A 89 12.68 -25.26 26.30
N ILE A 90 13.27 -26.45 26.22
CA ILE A 90 13.56 -27.24 27.40
C ILE A 90 15.06 -27.20 27.71
N ILE A 243 18.63 -26.30 25.81
CA ILE A 243 19.33 -27.50 25.36
C ILE A 243 18.49 -28.21 24.30
N THR A 244 17.18 -27.99 24.33
CA THR A 244 16.27 -28.59 23.38
C THR A 244 15.21 -27.58 22.96
N LYS A 245 14.83 -27.61 21.68
CA LYS A 245 13.85 -26.70 21.12
C LYS A 245 12.68 -27.49 20.54
N LEU A 246 11.49 -26.89 20.62
CA LEU A 246 10.27 -27.57 20.18
C LEU A 246 9.25 -26.51 19.77
N ARG A 247 8.66 -26.70 18.58
CA ARG A 247 7.63 -25.81 18.05
C ARG A 247 6.36 -26.62 17.82
N ILE A 248 5.21 -26.01 18.11
CA ILE A 248 3.91 -26.62 17.84
C ILE A 248 3.09 -25.63 17.02
N LEU A 249 2.62 -26.09 15.85
CA LEU A 249 1.92 -25.24 14.89
C LEU A 249 0.62 -25.90 14.47
N ASN A 250 -0.16 -25.19 13.66
CA ASN A 250 -1.55 -25.54 13.37
C ASN A 250 -1.75 -26.06 11.95
N ALA A 251 -0.79 -26.84 11.45
CA ALA A 251 -0.96 -27.41 10.13
C ALA A 251 -1.86 -28.66 10.19
N LYS A 252 -2.45 -28.97 9.05
CA LYS A 252 -3.22 -30.21 8.91
C LYS A 252 -2.28 -31.39 8.77
N GLU A 253 -2.73 -32.55 9.24
CA GLU A 253 -1.97 -33.78 9.10
C GLU A 253 -2.26 -34.42 7.75
N GLU A 254 -1.19 -34.93 7.11
CA GLU A 254 -1.34 -35.54 5.80
C GLU A 254 -0.20 -36.54 5.62
N THR A 255 -0.53 -37.82 5.58
CA THR A 255 0.45 -38.90 5.42
C THR A 255 0.35 -39.47 4.02
N ILE A 256 1.47 -39.58 3.33
CA ILE A 256 1.54 -40.17 2.00
C ILE A 256 2.43 -41.41 2.08
N ASP A 257 1.88 -42.55 1.67
CA ASP A 257 2.64 -43.79 1.56
C ASP A 257 3.12 -43.90 0.12
N ILE A 258 4.41 -43.60 -0.09
CA ILE A 258 4.96 -43.56 -1.44
C ILE A 258 4.97 -44.95 -2.08
N ASP A 259 4.84 -46.01 -1.29
CA ASP A 259 4.73 -47.36 -1.84
C ASP A 259 3.33 -47.69 -2.32
N ALA A 260 2.41 -46.74 -2.27
CA ALA A 260 1.01 -46.98 -2.62
C ALA A 260 0.64 -46.18 -3.86
N SER A 261 -0.22 -46.78 -4.68
CA SER A 261 -0.77 -46.07 -5.84
C SER A 261 -1.75 -45.01 -5.37
N SER A 262 -2.24 -44.23 -6.34
CA SER A 262 -3.13 -43.08 -6.14
C SER A 262 -2.48 -41.98 -5.32
N SER A 263 -1.22 -42.14 -4.94
CA SER A 263 -0.50 -41.11 -4.20
C SER A 263 -0.02 -40.03 -5.13
N LYS A 264 0.20 -38.84 -4.56
CA LYS A 264 0.74 -37.74 -5.34
C LYS A 264 2.21 -38.00 -5.66
N THR A 265 2.57 -37.87 -6.93
CA THR A 265 3.96 -38.05 -7.34
C THR A 265 4.82 -36.93 -6.77
N ALA A 266 6.13 -37.16 -6.74
CA ALA A 266 7.05 -36.11 -6.32
C ALA A 266 6.88 -34.84 -7.15
N GLN A 267 6.50 -34.98 -8.41
CA GLN A 267 6.17 -33.80 -9.23
C GLN A 267 4.88 -33.13 -8.75
N ASP A 268 3.81 -33.91 -8.66
CA ASP A 268 2.52 -33.33 -8.25
C ASP A 268 2.60 -32.75 -6.85
N LEU A 269 3.43 -33.33 -5.99
CA LEU A 269 3.68 -32.73 -4.67
C LEU A 269 4.45 -31.43 -4.81
N ALA A 270 5.37 -31.35 -5.78
CA ALA A 270 6.14 -30.12 -5.99
C ALA A 270 5.32 -29.04 -6.68
N LYS A 271 4.40 -29.43 -7.57
CA LYS A 271 3.54 -28.45 -8.24
C LYS A 271 2.60 -27.78 -7.26
N LYS A 272 2.16 -28.52 -6.23
CA LYS A 272 1.23 -27.98 -5.24
C LYS A 272 1.92 -27.30 -4.08
N TYR A 273 3.03 -27.87 -3.59
CA TYR A 273 3.71 -27.37 -2.41
C TYR A 273 5.13 -26.94 -2.74
N VAL A 274 5.63 -25.98 -1.97
CA VAL A 274 7.01 -25.51 -2.08
C VAL A 274 7.79 -26.08 -0.91
N PHE A 275 8.88 -26.79 -1.21
CA PHE A 275 9.65 -27.49 -0.21
C PHE A 275 11.01 -26.82 -0.01
N ASN A 276 11.58 -27.02 1.17
CA ASN A 276 12.92 -26.53 1.46
C ASN A 276 13.95 -27.48 0.86
N LYS A 277 14.85 -26.93 0.04
CA LYS A 277 15.82 -27.75 -0.67
C LYS A 277 16.90 -28.29 0.26
N THR A 278 17.34 -27.48 1.23
CA THR A 278 18.41 -27.91 2.13
C THR A 278 17.98 -29.09 2.98
N ASP A 279 16.76 -29.05 3.54
CA ASP A 279 16.29 -30.16 4.35
C ASP A 279 16.16 -31.44 3.54
N LEU A 280 15.73 -31.32 2.28
CA LEU A 280 15.68 -32.48 1.40
C LEU A 280 17.07 -33.02 1.10
N ASN A 281 18.10 -32.16 1.13
CA ASN A 281 19.46 -32.59 0.84
C ASN A 281 20.02 -33.43 1.99
N THR A 282 20.07 -32.85 3.20
CA THR A 282 20.60 -33.58 4.34
C THR A 282 19.78 -34.82 4.67
N LEU A 283 18.51 -34.84 4.29
CA LEU A 283 17.72 -36.06 4.45
C LEU A 283 18.20 -37.15 3.51
N TYR A 284 18.49 -36.79 2.26
CA TYR A 284 18.99 -37.77 1.29
C TYR A 284 20.35 -38.31 1.71
N ARG A 285 21.23 -37.43 2.22
CA ARG A 285 22.58 -37.84 2.55
C ARG A 285 22.59 -38.91 3.64
N VAL A 286 21.76 -38.74 4.66
CA VAL A 286 21.64 -39.77 5.70
C VAL A 286 21.08 -41.06 5.11
N LEU A 287 20.09 -40.92 4.22
CA LEU A 287 19.48 -42.10 3.59
C LEU A 287 20.47 -42.83 2.70
N ASN A 288 21.30 -42.09 1.96
CA ASN A 288 22.28 -42.72 1.09
C ASN A 288 23.38 -43.43 1.88
N GLY A 289 23.52 -43.13 3.16
CA GLY A 289 24.55 -43.73 3.99
C GLY A 289 25.78 -42.89 4.20
N ASP A 290 25.83 -41.68 3.62
CA ASP A 290 27.00 -40.82 3.80
C ASP A 290 27.13 -40.34 5.23
N GLU A 291 26.03 -40.29 5.98
CA GLU A 291 26.03 -39.84 7.36
C GLU A 291 25.39 -40.89 8.24
N ALA A 292 25.99 -41.14 9.40
CA ALA A 292 25.40 -42.05 10.36
C ALA A 292 24.18 -41.41 11.00
N ASP A 293 23.07 -42.15 11.05
CA ASP A 293 21.83 -41.61 11.60
C ASP A 293 21.92 -41.53 13.11
N THR A 294 22.71 -40.58 13.62
CA THR A 294 22.87 -40.39 15.05
C THR A 294 21.73 -39.60 15.68
N ASN A 295 20.92 -38.92 14.88
CA ASN A 295 19.78 -38.16 15.39
C ASN A 295 18.44 -38.80 15.04
N ARG A 296 18.45 -40.05 14.56
CA ARG A 296 17.23 -40.80 14.28
C ARG A 296 16.31 -40.05 13.32
N LEU A 297 16.88 -39.59 12.21
CA LEU A 297 16.03 -39.00 11.17
C LEU A 297 15.28 -40.07 10.40
N VAL A 298 15.92 -41.22 10.17
CA VAL A 298 15.25 -42.39 9.62
C VAL A 298 14.83 -43.26 10.80
N GLU A 299 13.53 -43.31 11.08
CA GLU A 299 13.00 -43.96 12.27
C GLU A 299 12.35 -45.29 11.91
N GLU A 300 12.76 -46.35 12.60
CA GLU A 300 12.14 -47.66 12.46
C GLU A 300 10.90 -47.68 13.34
N VAL A 301 9.74 -47.37 12.74
CA VAL A 301 8.49 -47.24 13.48
C VAL A 301 7.38 -47.90 12.68
N SER A 302 6.52 -48.65 13.38
CA SER A 302 5.37 -49.34 12.80
C SER A 302 5.78 -50.33 11.71
N GLY A 303 7.02 -50.81 11.73
CA GLY A 303 7.50 -51.76 10.76
C GLY A 303 8.04 -51.16 9.48
N LYS A 304 7.89 -49.86 9.29
CA LYS A 304 8.34 -49.19 8.07
C LYS A 304 9.41 -48.17 8.41
N TYR A 305 10.03 -47.64 7.37
CA TYR A 305 10.97 -46.53 7.49
C TYR A 305 10.23 -45.24 7.12
N GLN A 306 10.34 -44.22 7.96
CA GLN A 306 9.54 -43.03 7.82
C GLN A 306 10.38 -41.77 8.01
N VAL A 307 9.96 -40.70 7.35
CA VAL A 307 10.52 -39.36 7.55
C VAL A 307 9.36 -38.38 7.57
N VAL A 308 9.57 -37.25 8.24
CA VAL A 308 8.57 -36.19 8.35
C VAL A 308 9.05 -35.00 7.53
N LEU A 309 8.14 -34.43 6.74
CA LEU A 309 8.49 -33.29 5.89
C LEU A 309 7.39 -32.24 5.97
N TYR A 310 7.80 -30.98 6.14
CA TYR A 310 6.90 -29.85 6.21
C TYR A 310 7.13 -28.95 5.01
N PRO A 311 6.12 -28.64 4.21
CA PRO A 311 6.31 -27.64 3.14
C PRO A 311 6.41 -26.25 3.73
N GLU A 312 6.61 -25.24 2.87
CA GLU A 312 6.64 -23.86 3.30
C GLU A 312 5.46 -23.05 2.77
N GLY A 313 4.60 -23.66 1.97
CA GLY A 313 3.42 -22.97 1.47
C GLY A 313 2.88 -23.64 0.23
N LYS A 314 1.79 -23.09 -0.26
CA LYS A 314 1.16 -23.56 -1.49
C LYS A 314 1.64 -22.73 -2.67
N ARG A 315 1.77 -23.40 -3.82
CA ARG A 315 2.26 -22.74 -5.03
C ARG A 315 1.14 -21.95 -5.68
N VAL A 316 1.37 -20.65 -5.88
CA VAL A 316 0.36 -19.78 -6.46
C VAL A 316 0.42 -19.86 -7.98
N ALA B 1 9.40 -35.57 17.22
CA ALA B 1 9.79 -36.89 16.75
C ALA B 1 11.31 -37.03 16.68
N ALA B 2 11.92 -36.28 15.77
CA ALA B 2 13.36 -36.31 15.56
C ALA B 2 13.92 -34.91 15.64
N LYS B 3 15.25 -34.84 15.80
CA LYS B 3 15.96 -33.56 15.87
C LYS B 3 16.25 -33.10 14.45
N ALA B 4 15.36 -32.25 13.92
CA ALA B 4 15.48 -31.75 12.56
C ALA B 4 15.19 -30.25 12.56
N SER B 5 15.19 -29.66 11.37
CA SER B 5 14.85 -28.25 11.24
C SER B 5 13.37 -28.05 11.48
N ILE B 6 13.04 -27.12 12.36
CA ILE B 6 11.64 -26.89 12.73
C ILE B 6 10.93 -26.15 11.62
N ALA B 7 9.62 -26.36 11.53
CA ALA B 7 8.84 -25.98 10.36
C ALA B 7 8.42 -24.52 10.41
N ASP B 8 7.88 -24.05 9.29
CA ASP B 8 7.37 -22.69 9.19
C ASP B 8 5.98 -22.60 9.80
N GLU B 9 5.64 -21.39 10.27
CA GLU B 9 4.33 -21.18 10.90
C GLU B 9 3.20 -21.40 9.90
N ASN B 10 3.36 -20.95 8.67
CA ASN B 10 2.34 -21.05 7.64
C ASN B 10 2.40 -22.36 6.87
N SER B 11 3.06 -23.38 7.41
CA SER B 11 3.13 -24.67 6.75
C SER B 11 1.73 -25.23 6.57
N PRO B 12 1.32 -25.57 5.35
CA PRO B 12 -0.08 -26.02 5.16
C PRO B 12 -0.34 -27.40 5.75
N VAL B 13 0.61 -28.32 5.65
CA VAL B 13 0.41 -29.70 6.06
C VAL B 13 1.70 -30.24 6.69
N LYS B 14 1.58 -31.41 7.31
CA LYS B 14 2.70 -32.16 7.84
C LYS B 14 2.76 -33.49 7.09
N LEU B 15 3.65 -33.58 6.09
CA LEU B 15 3.77 -34.81 5.33
C LEU B 15 4.65 -35.82 6.07
N THR B 16 4.13 -37.02 6.26
CA THR B 16 4.88 -38.15 6.77
C THR B 16 5.10 -39.12 5.62
N LEU B 17 6.36 -39.33 5.25
CA LEU B 17 6.71 -40.19 4.12
C LEU B 17 7.19 -41.52 4.67
N LYS B 18 6.46 -42.59 4.33
CA LYS B 18 6.75 -43.92 4.83
C LYS B 18 7.01 -44.87 3.67
N SER B 19 7.91 -45.81 3.89
CA SER B 19 8.24 -46.83 2.89
C SER B 19 8.88 -48.03 3.57
N ASP B 20 8.64 -49.21 3.01
CA ASP B 20 9.18 -50.43 3.60
C ASP B 20 10.70 -50.49 3.48
N LYS B 21 11.26 -49.99 2.38
CA LYS B 21 12.70 -49.98 2.16
C LYS B 21 13.21 -48.54 2.20
N LYS B 22 14.37 -48.34 2.82
CA LYS B 22 14.96 -47.02 2.91
C LYS B 22 15.48 -46.51 1.58
N LYS B 23 15.79 -47.40 0.63
CA LYS B 23 16.25 -46.96 -0.67
C LYS B 23 15.10 -46.41 -1.51
N ASP B 24 13.88 -46.87 -1.27
CA ASP B 24 12.73 -46.37 -2.01
C ASP B 24 12.45 -44.91 -1.66
N LEU B 25 12.40 -44.59 -0.36
CA LEU B 25 12.13 -43.21 0.04
C LEU B 25 13.34 -42.31 -0.16
N LYS B 26 14.55 -42.87 -0.22
CA LYS B 26 15.70 -42.08 -0.64
C LYS B 26 15.55 -41.63 -2.09
N ASP B 27 15.03 -42.52 -2.95
CA ASP B 27 14.77 -42.14 -4.32
C ASP B 27 13.64 -41.12 -4.42
N TYR B 28 12.61 -41.27 -3.58
CA TYR B 28 11.49 -40.32 -3.61
C TYR B 28 11.94 -38.94 -3.18
N VAL B 29 12.82 -38.86 -2.17
CA VAL B 29 13.37 -37.57 -1.76
C VAL B 29 14.21 -36.97 -2.89
N ASP B 30 14.97 -37.81 -3.59
CA ASP B 30 15.75 -37.34 -4.74
C ASP B 30 14.83 -36.80 -5.83
N ASP B 31 13.75 -37.52 -6.14
CA ASP B 31 12.81 -37.05 -7.15
C ASP B 31 12.12 -35.78 -6.70
N LEU B 32 11.75 -35.70 -5.41
CA LEU B 32 11.04 -34.53 -4.91
C LEU B 32 11.89 -33.27 -5.02
N ARG B 33 13.15 -33.34 -4.56
CA ARG B 33 14.01 -32.16 -4.57
C ARG B 33 14.32 -31.70 -5.98
N THR B 34 14.30 -32.60 -6.96
CA THR B 34 14.58 -32.20 -8.33
C THR B 34 13.42 -31.43 -8.94
N TYR B 35 12.21 -32.01 -8.87
CA TYR B 35 11.06 -31.34 -9.45
C TYR B 35 10.60 -30.15 -8.61
N ASN B 36 10.96 -30.11 -7.33
CA ASN B 36 10.72 -28.90 -6.53
C ASN B 36 11.57 -27.75 -7.04
N ASN B 37 12.81 -28.03 -7.43
CA ASN B 37 13.69 -26.99 -7.96
C ASN B 37 13.21 -26.49 -9.32
N GLY B 38 12.72 -27.40 -10.17
CA GLY B 38 12.26 -26.99 -11.48
C GLY B 38 10.99 -26.15 -11.43
N TYR B 39 9.99 -26.61 -10.67
CA TYR B 39 8.71 -25.91 -10.62
C TYR B 39 8.84 -24.55 -9.96
N SER B 40 9.79 -24.40 -9.02
CA SER B 40 10.00 -23.13 -8.35
C SER B 40 10.82 -22.15 -9.18
N ASN B 41 11.44 -22.60 -10.27
CA ASN B 41 12.39 -21.80 -11.02
C ASN B 41 12.05 -21.78 -12.51
N ALA B 42 10.77 -21.83 -12.83
CA ALA B 42 10.31 -21.66 -14.21
C ALA B 42 8.90 -21.07 -14.15
N ILE B 43 8.76 -19.79 -14.47
CA ILE B 43 7.53 -19.04 -14.23
C ILE B 43 7.09 -18.32 -15.50
N GLU B 44 5.77 -18.21 -15.68
CA GLU B 44 5.15 -17.40 -16.75
C GLU B 44 4.38 -16.23 -16.15
N VAL B 45 4.55 -15.05 -16.76
CA VAL B 45 3.85 -13.83 -16.33
C VAL B 45 3.16 -13.24 -17.56
N ALA B 46 1.84 -13.07 -17.48
CA ALA B 46 1.07 -12.63 -18.64
C ALA B 46 -0.27 -12.06 -18.19
N GLY B 47 -0.97 -11.46 -19.16
CA GLY B 47 -2.30 -10.92 -18.94
C GLY B 47 -3.17 -11.15 -20.16
N GLU B 48 -4.44 -10.74 -20.04
CA GLU B 48 -5.40 -11.01 -21.10
C GLU B 48 -5.18 -10.11 -22.32
N ASP B 49 -5.05 -8.80 -22.11
CA ASP B 49 -4.76 -7.87 -23.19
C ASP B 49 -3.35 -7.30 -23.00
N ARG B 50 -2.94 -6.47 -23.96
CA ARG B 50 -1.61 -5.86 -23.88
C ARG B 50 -1.47 -5.01 -22.62
N ILE B 51 -2.56 -4.42 -22.14
CA ILE B 51 -2.50 -3.60 -20.94
C ILE B 51 -2.34 -4.45 -19.69
N GLU B 52 -3.08 -5.55 -19.60
CA GLU B 52 -3.03 -6.38 -18.40
C GLU B 52 -1.69 -7.08 -18.25
N THR B 53 -1.09 -7.49 -19.37
CA THR B 53 0.22 -8.14 -19.31
C THR B 53 1.27 -7.21 -18.71
N ALA B 54 1.23 -5.93 -19.11
CA ALA B 54 2.11 -4.94 -18.50
C ALA B 54 1.79 -4.77 -17.02
N ILE B 55 0.51 -4.84 -16.66
CA ILE B 55 0.12 -4.80 -15.26
C ILE B 55 0.66 -6.03 -14.52
N ALA B 56 0.60 -7.20 -15.15
CA ALA B 56 1.05 -8.42 -14.49
C ALA B 56 2.54 -8.37 -14.18
N LEU B 57 3.34 -7.82 -15.09
CA LEU B 57 4.77 -7.68 -14.83
C LEU B 57 5.02 -6.79 -13.61
N SER B 58 4.29 -5.67 -13.53
CA SER B 58 4.49 -4.73 -12.43
C SER B 58 4.12 -5.35 -11.09
N GLN B 59 3.05 -6.15 -11.05
CA GLN B 59 2.58 -6.71 -9.79
C GLN B 59 3.59 -7.70 -9.21
N LYS B 60 4.23 -8.50 -10.06
CA LYS B 60 5.06 -9.59 -9.56
C LYS B 60 6.45 -9.12 -9.14
N TYR B 61 7.04 -8.18 -9.87
CA TYR B 61 8.43 -7.79 -9.64
C TYR B 61 8.59 -6.42 -9.02
N TYR B 62 7.54 -5.61 -8.93
CA TYR B 62 7.58 -4.30 -8.31
C TYR B 62 6.58 -4.26 -7.17
N ASN B 63 7.06 -3.90 -5.97
CA ASN B 63 6.23 -3.83 -4.77
C ASN B 63 5.57 -5.17 -4.49
N SER B 64 6.39 -6.19 -4.31
CA SER B 64 5.90 -7.54 -4.07
C SER B 64 6.86 -8.26 -3.14
N ASP B 65 6.31 -9.22 -2.39
CA ASP B 65 7.10 -10.06 -1.48
C ASP B 65 7.73 -11.25 -2.18
N ASP B 66 7.52 -11.41 -3.47
CA ASP B 66 8.04 -12.56 -4.21
C ASP B 66 9.56 -12.55 -4.22
N GLU B 67 10.15 -13.72 -4.01
CA GLU B 67 11.59 -13.88 -4.10
C GLU B 67 12.02 -13.91 -5.56
N ASN B 68 13.18 -13.30 -5.84
CA ASN B 68 13.74 -13.02 -7.17
C ASN B 68 13.05 -11.83 -7.82
N ALA B 69 12.16 -11.15 -7.10
CA ALA B 69 11.59 -9.91 -7.62
C ALA B 69 12.63 -8.79 -7.55
N ILE B 70 12.42 -7.76 -8.37
CA ILE B 70 13.40 -6.67 -8.46
C ILE B 70 13.30 -5.77 -7.25
N PHE B 71 12.09 -5.31 -6.93
CA PHE B 71 11.88 -4.38 -5.82
C PHE B 71 10.85 -4.95 -4.86
N ARG B 72 11.22 -5.03 -3.58
CA ARG B 72 10.30 -5.52 -2.56
C ARG B 72 9.25 -4.48 -2.19
N ASP B 73 9.56 -3.20 -2.34
CA ASP B 73 8.70 -2.11 -1.91
C ASP B 73 8.19 -1.32 -3.11
N SER B 74 7.41 -0.28 -2.81
CA SER B 74 6.72 0.47 -3.85
C SER B 74 7.69 1.34 -4.65
N VAL B 75 7.24 1.73 -5.83
CA VAL B 75 8.03 2.54 -6.75
C VAL B 75 7.44 3.94 -6.84
N ASP B 76 8.15 4.82 -7.55
CA ASP B 76 7.74 6.22 -7.67
C ASP B 76 7.37 6.64 -9.08
N ASN B 77 7.95 6.02 -10.10
CA ASN B 77 7.70 6.40 -11.49
C ASN B 77 6.99 5.26 -12.22
N VAL B 78 6.30 5.63 -13.30
CA VAL B 78 5.62 4.68 -14.19
C VAL B 78 5.70 5.22 -15.61
N VAL B 79 6.08 4.36 -16.56
CA VAL B 79 6.15 4.72 -17.97
C VAL B 79 4.88 4.24 -18.66
N LEU B 80 4.26 5.13 -19.44
CA LEU B 80 2.98 4.85 -20.09
C LEU B 80 3.10 5.12 -21.58
N VAL B 81 2.60 4.19 -22.39
CA VAL B 81 2.59 4.31 -23.85
C VAL B 81 1.19 4.01 -24.36
N GLY B 82 0.95 4.36 -25.62
CA GLY B 82 -0.32 4.06 -26.24
C GLY B 82 -0.51 2.57 -26.44
N GLY B 83 -1.79 2.16 -26.50
CA GLY B 83 -2.13 0.75 -26.60
C GLY B 83 -1.49 0.03 -27.76
N ASN B 84 -1.93 0.33 -28.98
CA ASN B 84 -1.30 -0.22 -30.17
C ASN B 84 -0.19 0.67 -30.70
N ALA B 85 0.11 1.77 -30.01
CA ALA B 85 1.20 2.65 -30.37
C ALA B 85 2.54 2.03 -29.91
N ILE B 86 2.79 0.82 -30.40
CA ILE B 86 4.09 0.19 -30.21
C ILE B 86 5.21 1.12 -30.63
N VAL B 87 4.96 1.95 -31.65
CA VAL B 87 5.98 2.86 -32.18
C VAL B 87 6.10 4.16 -31.38
N ASP B 88 5.34 4.31 -30.31
CA ASP B 88 5.33 5.53 -29.54
C ASP B 88 5.76 5.19 -28.12
N GLY B 89 6.94 4.59 -28.03
CA GLY B 89 7.43 3.99 -26.81
C GLY B 89 8.12 2.66 -27.04
N LEU B 90 8.43 2.36 -28.30
CA LEU B 90 9.21 1.16 -28.62
C LEU B 90 10.59 1.17 -27.96
N VAL B 91 11.16 2.35 -27.76
CA VAL B 91 12.47 2.49 -27.14
C VAL B 91 12.35 2.87 -25.66
N ALA B 92 11.20 2.64 -25.05
CA ALA B 92 10.95 3.05 -23.67
C ALA B 92 11.45 2.04 -22.63
N SER B 93 11.87 0.85 -23.05
CA SER B 93 12.37 -0.14 -22.10
C SER B 93 13.57 0.37 -21.30
N PRO B 94 14.61 0.96 -21.91
CA PRO B 94 15.69 1.52 -21.08
C PRO B 94 15.24 2.63 -20.16
N LEU B 95 14.19 3.37 -20.54
CA LEU B 95 13.68 4.43 -19.68
C LEU B 95 13.02 3.86 -18.44
N ALA B 96 12.21 2.81 -18.60
CA ALA B 96 11.53 2.21 -17.46
C ALA B 96 12.53 1.60 -16.48
N SER B 97 13.55 0.90 -17.00
CA SER B 97 14.56 0.31 -16.14
C SER B 97 15.36 1.39 -15.41
N GLU B 98 15.74 2.46 -16.13
CA GLU B 98 16.50 3.54 -15.50
C GLU B 98 15.68 4.26 -14.44
N LYS B 99 14.41 4.50 -14.71
CA LYS B 99 13.52 5.16 -13.76
C LYS B 99 13.02 4.22 -12.67
N LYS B 100 13.50 2.98 -12.64
CA LYS B 100 13.04 1.97 -11.68
C LYS B 100 11.52 1.85 -11.73
N ALA B 101 10.98 1.84 -12.95
CA ALA B 101 9.55 1.97 -13.18
C ALA B 101 9.05 0.83 -14.05
N PRO B 102 7.79 0.45 -13.87
CA PRO B 102 7.15 -0.46 -14.83
C PRO B 102 6.66 0.29 -16.06
N LEU B 103 6.44 -0.46 -17.13
CA LEU B 103 5.96 0.08 -18.39
C LEU B 103 4.54 -0.43 -18.62
N LEU B 104 3.57 0.47 -18.56
CA LEU B 104 2.17 0.13 -18.73
C LEU B 104 1.61 0.79 -19.99
N LEU B 105 0.46 0.28 -20.43
CA LEU B 105 -0.16 0.71 -21.67
C LEU B 105 -1.53 1.32 -21.38
N THR B 106 -1.97 2.20 -22.28
CA THR B 106 -3.27 2.85 -22.14
C THR B 106 -3.89 3.06 -23.51
N SER B 107 -5.22 3.22 -23.52
CA SER B 107 -5.93 3.51 -24.75
C SER B 107 -5.69 4.95 -25.19
N LYS B 108 -6.14 5.27 -26.39
CA LYS B 108 -5.91 6.61 -26.95
C LYS B 108 -6.85 7.64 -26.35
N ASP B 109 -8.16 7.33 -26.30
CA ASP B 109 -9.15 8.34 -25.94
C ASP B 109 -9.31 8.47 -24.43
N LYS B 110 -9.53 7.37 -23.74
CA LYS B 110 -9.85 7.40 -22.31
C LYS B 110 -8.82 6.59 -21.53
N LEU B 111 -8.43 7.11 -20.37
CA LEU B 111 -7.55 6.39 -19.47
C LEU B 111 -8.28 5.16 -18.92
N ASP B 112 -7.75 3.98 -19.20
CA ASP B 112 -8.38 2.75 -18.75
C ASP B 112 -8.38 2.66 -17.24
N SER B 113 -9.49 2.17 -16.68
CA SER B 113 -9.62 2.08 -15.23
C SER B 113 -8.61 1.09 -14.65
N SER B 114 -8.33 0.01 -15.36
CA SER B 114 -7.36 -0.97 -14.87
C SER B 114 -5.98 -0.35 -14.73
N VAL B 115 -5.60 0.52 -15.66
CA VAL B 115 -4.33 1.24 -15.52
C VAL B 115 -4.37 2.14 -14.30
N LYS B 116 -5.49 2.84 -14.10
CA LYS B 116 -5.61 3.75 -12.97
C LYS B 116 -5.42 3.02 -11.64
N ALA B 117 -6.04 1.85 -11.49
CA ALA B 117 -5.86 1.06 -10.27
C ALA B 117 -4.42 0.58 -10.14
N GLU B 118 -3.81 0.18 -11.25
CA GLU B 118 -2.44 -0.33 -11.20
C GLU B 118 -1.46 0.75 -10.75
N ILE B 119 -1.64 1.99 -11.23
CA ILE B 119 -0.74 3.07 -10.85
C ILE B 119 -0.82 3.32 -9.35
N LYS B 120 -2.01 3.17 -8.76
CA LYS B 120 -2.17 3.39 -7.33
C LYS B 120 -1.45 2.32 -6.51
N ARG B 121 -1.55 1.05 -6.94
CA ARG B 121 -1.00 -0.04 -6.13
C ARG B 121 0.53 -0.03 -6.15
N VAL B 122 1.12 0.05 -7.34
CA VAL B 122 2.57 -0.01 -7.44
C VAL B 122 3.22 1.22 -6.83
N MET B 123 2.49 2.34 -6.80
CA MET B 123 2.98 3.58 -6.22
C MET B 123 2.53 3.80 -4.78
N ASN B 124 1.69 2.93 -4.25
CA ASN B 124 1.11 3.10 -2.91
C ASN B 124 0.39 4.43 -2.78
N ILE B 125 -0.46 4.73 -3.77
CA ILE B 125 -1.22 5.97 -3.76
C ILE B 125 -2.34 5.85 -2.73
N LYS B 126 -2.38 6.79 -1.78
CA LYS B 126 -3.37 6.73 -0.72
C LYS B 126 -4.70 7.34 -1.15
N SER B 127 -4.67 8.53 -1.74
CA SER B 127 -5.88 9.21 -2.15
C SER B 127 -5.77 9.66 -3.60
N THR B 128 -6.86 9.53 -4.34
CA THR B 128 -6.91 9.92 -5.75
C THR B 128 -7.42 11.34 -5.96
N THR B 129 -7.87 12.02 -4.91
CA THR B 129 -8.30 13.40 -5.00
C THR B 129 -7.37 14.35 -4.26
N GLY B 130 -6.32 13.84 -3.64
CA GLY B 130 -5.31 14.70 -3.04
C GLY B 130 -4.24 15.06 -4.05
N ILE B 131 -2.99 15.17 -3.60
CA ILE B 131 -1.87 15.47 -4.48
C ILE B 131 -0.81 14.38 -4.30
N ASN B 132 -0.29 13.88 -5.41
CA ASN B 132 0.69 12.80 -5.43
C ASN B 132 1.87 13.18 -6.31
N THR B 133 2.39 14.41 -6.13
CA THR B 133 3.46 14.90 -6.96
C THR B 133 4.80 14.22 -6.71
N SER B 134 4.90 13.38 -5.69
CA SER B 134 6.06 12.52 -5.55
C SER B 134 6.08 11.37 -6.56
N LYS B 135 5.08 11.33 -7.45
CA LYS B 135 4.94 10.26 -8.42
C LYS B 135 4.85 10.85 -9.82
N LYS B 136 5.61 10.28 -10.76
CA LYS B 136 5.70 10.80 -12.11
C LYS B 136 5.23 9.74 -13.11
N VAL B 137 4.54 10.19 -14.15
CA VAL B 137 4.10 9.33 -15.24
C VAL B 137 4.59 9.92 -16.55
N TYR B 138 5.23 9.10 -17.38
CA TYR B 138 5.78 9.52 -18.66
C TYR B 138 4.86 9.04 -19.78
N LEU B 139 4.41 9.97 -20.61
CA LEU B 139 3.55 9.67 -21.75
C LEU B 139 4.39 9.62 -23.01
N ALA B 140 4.48 8.44 -23.63
CA ALA B 140 5.23 8.25 -24.86
C ALA B 140 4.24 8.21 -26.01
N GLY B 141 4.27 9.25 -26.86
CA GLY B 141 3.38 9.33 -27.99
C GLY B 141 2.68 10.65 -28.16
N GLY B 142 2.26 10.96 -29.39
CA GLY B 142 1.62 12.22 -29.67
C GLY B 142 0.16 12.24 -29.31
N VAL B 143 -0.50 13.36 -29.64
CA VAL B 143 -1.92 13.52 -29.32
C VAL B 143 -2.79 12.55 -30.10
N ASN B 144 -2.28 11.96 -31.18
CA ASN B 144 -3.03 11.00 -31.96
C ASN B 144 -2.82 9.56 -31.51
N SER B 145 -1.90 9.33 -30.57
CA SER B 145 -1.74 8.02 -29.92
C SER B 145 -2.19 8.03 -28.47
N ILE B 146 -1.90 9.11 -27.75
CA ILE B 146 -2.44 9.34 -26.41
C ILE B 146 -3.05 10.73 -26.43
N SER B 147 -4.38 10.80 -26.43
CA SER B 147 -5.07 12.05 -26.67
C SER B 147 -5.07 12.93 -25.41
N LYS B 148 -5.67 14.11 -25.52
CA LYS B 148 -5.61 15.10 -24.45
C LYS B 148 -6.38 14.65 -23.22
N GLU B 149 -7.53 13.97 -23.41
CA GLU B 149 -8.35 13.60 -22.26
C GLU B 149 -7.64 12.59 -21.36
N VAL B 150 -6.77 11.75 -21.91
CA VAL B 150 -6.01 10.82 -21.08
C VAL B 150 -5.05 11.58 -20.17
N GLU B 151 -4.34 12.57 -20.72
CA GLU B 151 -3.39 13.33 -19.91
C GLU B 151 -4.10 14.26 -18.93
N ASN B 152 -5.31 14.71 -19.27
CA ASN B 152 -6.07 15.53 -18.33
C ASN B 152 -6.60 14.70 -17.17
N GLU B 153 -7.12 13.51 -17.47
CA GLU B 153 -7.60 12.63 -16.40
C GLU B 153 -6.46 12.17 -15.50
N LEU B 154 -5.28 11.95 -16.10
CA LEU B 154 -4.12 11.56 -15.29
C LEU B 154 -3.74 12.67 -14.31
N LYS B 155 -3.81 13.92 -14.73
CA LYS B 155 -3.55 15.04 -13.84
C LYS B 155 -4.64 15.22 -12.80
N ASP B 156 -5.86 14.75 -13.09
CA ASP B 156 -6.95 14.88 -12.13
C ASP B 156 -6.68 14.06 -10.87
N MET B 157 -5.88 13.00 -10.99
CA MET B 157 -5.48 12.21 -9.83
C MET B 157 -4.29 12.81 -9.09
N GLY B 158 -3.93 14.04 -9.41
CA GLY B 158 -2.76 14.66 -8.80
C GLY B 158 -1.45 14.03 -9.19
N LEU B 159 -1.32 13.56 -10.42
CA LEU B 159 -0.10 12.92 -10.91
C LEU B 159 0.65 13.88 -11.82
N LYS B 160 1.98 13.86 -11.72
CA LYS B 160 2.82 14.55 -12.69
C LYS B 160 2.76 13.81 -14.02
N VAL B 161 2.48 14.55 -15.09
CA VAL B 161 2.37 13.97 -16.42
C VAL B 161 3.38 14.65 -17.33
N THR B 162 4.32 13.87 -17.85
CA THR B 162 5.32 14.36 -18.80
C THR B 162 5.10 13.64 -20.12
N ARG B 163 4.89 14.41 -21.19
CA ARG B 163 4.63 13.86 -22.51
C ARG B 163 5.88 13.92 -23.36
N LEU B 164 6.26 12.78 -23.93
CA LEU B 164 7.38 12.68 -24.87
C LEU B 164 6.76 12.41 -26.24
N ALA B 165 6.67 13.43 -27.08
CA ALA B 165 5.98 13.31 -28.34
C ALA B 165 6.65 14.19 -29.39
N GLY B 166 6.50 13.79 -30.65
CA GLY B 166 6.98 14.57 -31.77
C GLY B 166 5.95 14.62 -32.88
N ASP B 167 6.32 15.21 -34.02
CA ASP B 167 5.40 15.30 -35.14
C ASP B 167 5.29 13.99 -35.91
N ASP B 168 6.13 13.00 -35.64
CA ASP B 168 6.04 11.68 -36.26
C ASP B 168 6.64 10.63 -35.34
N ARG B 169 6.84 9.43 -35.89
CA ARG B 169 7.45 8.31 -35.18
C ARG B 169 8.92 8.57 -34.84
N TYR B 170 9.67 9.15 -35.76
CA TYR B 170 11.11 9.30 -35.57
C TYR B 170 11.43 10.41 -34.58
N GLU B 171 10.70 11.52 -34.63
CA GLU B 171 10.93 12.61 -33.67
C GLU B 171 10.59 12.15 -32.26
N THR B 172 9.41 11.55 -32.08
CA THR B 172 9.01 11.07 -30.77
C THR B 172 10.02 10.08 -30.20
N SER B 173 10.58 9.23 -31.07
CA SER B 173 11.58 8.27 -30.63
C SER B 173 12.83 8.97 -30.10
N LEU B 174 13.23 10.07 -30.74
CA LEU B 174 14.39 10.80 -30.25
C LEU B 174 14.12 11.47 -28.91
N LYS B 175 12.87 11.87 -28.65
CA LYS B 175 12.53 12.41 -27.34
C LYS B 175 12.68 11.35 -26.26
N ILE B 176 12.26 10.12 -26.54
CA ILE B 176 12.39 9.05 -25.55
C ILE B 176 13.85 8.65 -25.36
N ALA B 177 14.61 8.56 -26.45
CA ALA B 177 16.02 8.20 -26.35
C ALA B 177 16.81 9.24 -25.57
N ASP B 178 16.53 10.53 -25.83
CA ASP B 178 17.21 11.58 -25.09
C ASP B 178 16.85 11.55 -23.60
N GLU B 179 15.64 11.09 -23.27
CA GLU B 179 15.27 10.94 -21.88
C GLU B 179 16.09 9.84 -21.21
N VAL B 180 16.39 8.77 -21.95
CA VAL B 180 17.23 7.71 -21.40
C VAL B 180 18.66 8.20 -21.18
N GLY B 181 19.25 8.79 -22.21
CA GLY B 181 20.58 9.36 -22.07
C GLY B 181 21.65 8.47 -22.68
N LEU B 182 22.65 9.11 -23.27
CA LEU B 182 23.81 8.42 -23.86
C LEU B 182 24.98 8.46 -22.89
N ASP B 183 24.82 7.78 -21.76
CA ASP B 183 25.73 7.90 -20.64
C ASP B 183 26.87 6.87 -20.67
N ASN B 184 27.09 6.19 -21.80
CA ASN B 184 28.19 5.27 -21.89
C ASN B 184 28.92 5.32 -23.23
N ASP B 185 28.69 6.35 -24.05
CA ASP B 185 29.27 6.44 -25.39
C ASP B 185 28.95 5.17 -26.19
N LYS B 186 27.75 4.64 -25.98
CA LYS B 186 27.33 3.40 -26.62
C LYS B 186 25.83 3.47 -26.83
N ALA B 187 25.38 3.13 -28.05
CA ALA B 187 23.98 3.23 -28.41
C ALA B 187 23.60 2.07 -29.32
N PHE B 188 22.29 1.88 -29.48
CA PHE B 188 21.74 0.91 -30.42
C PHE B 188 20.86 1.66 -31.41
N VAL B 189 21.02 1.35 -32.70
CA VAL B 189 20.29 2.02 -33.76
C VAL B 189 19.49 0.99 -34.54
N VAL B 190 18.20 1.24 -34.72
CA VAL B 190 17.33 0.40 -35.53
C VAL B 190 16.66 1.28 -36.59
N GLY B 191 15.98 0.62 -37.52
CA GLY B 191 15.29 1.30 -38.60
C GLY B 191 13.81 1.52 -38.31
N GLY B 192 13.17 2.24 -39.22
CA GLY B 192 11.75 2.53 -39.09
C GLY B 192 10.87 1.31 -39.08
N THR B 193 11.37 0.18 -39.58
CA THR B 193 10.63 -1.08 -39.56
C THR B 193 11.24 -2.13 -38.65
N GLY B 194 12.41 -1.86 -38.06
CA GLY B 194 13.08 -2.83 -37.22
C GLY B 194 12.50 -2.92 -35.83
N LEU B 195 11.18 -3.11 -35.74
CA LEU B 195 10.53 -3.18 -34.43
C LEU B 195 11.00 -4.42 -33.66
N ALA B 196 11.11 -5.56 -34.36
CA ALA B 196 11.61 -6.77 -33.71
C ALA B 196 13.08 -6.64 -33.33
N ASP B 197 13.84 -5.85 -34.09
CA ASP B 197 15.26 -5.68 -33.80
C ASP B 197 15.46 -4.94 -32.47
N ALA B 198 14.66 -3.92 -32.20
CA ALA B 198 14.80 -3.18 -30.95
C ALA B 198 14.36 -4.00 -29.75
N MET B 199 13.46 -4.97 -29.94
CA MET B 199 13.06 -5.83 -28.85
C MET B 199 14.16 -6.82 -28.47
N SER B 200 14.91 -7.30 -29.46
CA SER B 200 16.03 -8.18 -29.17
C SER B 200 17.10 -7.47 -28.33
N ILE B 201 17.28 -6.17 -28.55
CA ILE B 201 18.33 -5.42 -27.88
C ILE B 201 17.86 -4.74 -26.61
N ALA B 202 16.54 -4.61 -26.41
CA ALA B 202 16.02 -3.94 -25.22
C ALA B 202 16.52 -4.54 -23.90
N PRO B 203 16.54 -5.86 -23.70
CA PRO B 203 16.93 -6.38 -22.38
C PRO B 203 18.37 -6.04 -22.00
N VAL B 204 19.31 -6.13 -22.94
CA VAL B 204 20.68 -5.75 -22.64
C VAL B 204 20.81 -4.23 -22.58
N ALA B 205 20.03 -3.51 -23.39
CA ALA B 205 20.03 -2.05 -23.32
C ALA B 205 19.55 -1.56 -21.96
N SER B 206 18.57 -2.25 -21.38
CA SER B 206 18.01 -1.88 -20.09
C SER B 206 18.90 -2.27 -18.92
N GLN B 207 20.05 -2.91 -19.18
CA GLN B 207 20.92 -3.34 -18.10
C GLN B 207 21.64 -2.13 -17.49
N LEU B 208 21.55 -2.01 -16.17
CA LEU B 208 22.28 -0.96 -15.44
C LEU B 208 23.72 -1.43 -15.30
N ARG B 209 24.60 -0.86 -16.11
CA ARG B 209 25.96 -1.37 -16.27
C ARG B 209 26.99 -0.38 -15.78
N ASN B 210 28.11 -0.92 -15.32
CA ASN B 210 29.30 -0.14 -14.98
C ASN B 210 30.01 0.31 -16.25
N ALA B 211 30.93 1.26 -16.10
CA ALA B 211 31.75 1.69 -17.23
C ALA B 211 32.60 0.53 -17.76
N ASN B 212 32.99 -0.39 -16.89
CA ASN B 212 33.71 -1.59 -17.28
C ASN B 212 32.80 -2.66 -17.84
N GLY B 213 31.56 -2.33 -18.18
CA GLY B 213 30.61 -3.32 -18.64
C GLY B 213 30.12 -4.27 -17.59
N LYS B 214 30.48 -4.05 -16.32
CA LYS B 214 30.09 -4.92 -15.23
C LYS B 214 28.69 -4.56 -14.72
N MET B 215 28.14 -5.43 -13.87
CA MET B 215 26.83 -5.22 -13.31
C MET B 215 26.88 -4.25 -12.14
N ASP B 216 25.95 -3.29 -12.12
CA ASP B 216 25.87 -2.32 -11.04
C ASP B 216 24.43 -1.82 -10.99
N LEU B 217 23.67 -2.31 -10.02
CA LEU B 217 22.26 -1.95 -9.90
C LEU B 217 22.03 -0.76 -8.99
N ALA B 218 23.08 -0.19 -8.41
CA ALA B 218 22.96 1.02 -7.60
C ALA B 218 23.42 2.27 -8.33
N ASP B 219 24.40 2.15 -9.23
CA ASP B 219 24.92 3.29 -9.97
C ASP B 219 24.94 3.08 -11.47
N GLY B 220 24.66 1.88 -11.96
CA GLY B 220 24.79 1.60 -13.37
C GLY B 220 23.77 2.35 -14.23
N ASP B 221 24.07 2.42 -15.52
CA ASP B 221 23.28 3.18 -16.46
C ASP B 221 22.87 2.29 -17.63
N ALA B 222 21.71 2.57 -18.21
CA ALA B 222 21.19 1.81 -19.33
C ALA B 222 21.75 2.36 -20.65
N THR B 223 21.34 1.74 -21.75
CA THR B 223 21.77 2.14 -23.08
C THR B 223 20.55 2.47 -23.94
N PRO B 224 20.52 3.62 -24.59
CA PRO B 224 19.32 4.02 -25.35
C PRO B 224 19.25 3.33 -26.70
N ILE B 225 18.08 3.48 -27.34
CA ILE B 225 17.82 2.95 -28.68
C ILE B 225 17.23 4.05 -29.53
N VAL B 226 17.60 4.09 -30.81
CA VAL B 226 17.12 5.08 -31.76
C VAL B 226 16.61 4.37 -33.00
N VAL B 227 15.44 4.77 -33.48
CA VAL B 227 14.90 4.29 -34.75
C VAL B 227 14.98 5.43 -35.75
N VAL B 228 15.58 5.15 -36.90
CA VAL B 228 15.84 6.16 -37.93
C VAL B 228 15.17 5.73 -39.24
N ASP B 229 15.21 6.63 -40.22
CA ASP B 229 14.68 6.37 -41.54
C ASP B 229 15.72 5.57 -42.33
N GLY B 230 15.56 4.24 -42.31
CA GLY B 230 16.50 3.38 -43.01
C GLY B 230 16.31 3.34 -44.51
N LYS B 231 15.16 3.76 -45.00
CA LYS B 231 14.88 3.79 -46.44
C LYS B 231 15.27 5.12 -47.06
N ALA B 232 16.53 5.50 -46.87
CA ALA B 232 17.04 6.77 -47.36
C ALA B 232 18.52 6.62 -47.68
N LYS B 233 19.13 7.71 -48.17
CA LYS B 233 20.55 7.71 -48.50
C LYS B 233 21.40 8.24 -47.34
N THR B 234 21.05 9.40 -46.82
CA THR B 234 21.72 9.97 -45.65
C THR B 234 20.86 9.76 -44.41
N ILE B 235 21.27 10.34 -43.29
CA ILE B 235 20.50 10.27 -42.05
C ILE B 235 20.11 11.69 -41.64
N ASN B 236 19.04 11.79 -40.87
CA ASN B 236 18.49 13.08 -40.49
C ASN B 236 19.47 13.85 -39.61
N ASP B 237 19.40 15.18 -39.71
CA ASP B 237 20.28 16.03 -38.90
C ASP B 237 19.99 15.87 -37.41
N ASP B 238 18.75 15.54 -37.05
CA ASP B 238 18.42 15.28 -35.66
C ASP B 238 19.11 14.02 -35.15
N VAL B 239 19.17 12.98 -35.99
CA VAL B 239 19.83 11.74 -35.60
C VAL B 239 21.34 11.96 -35.46
N LYS B 240 21.92 12.76 -36.35
CA LYS B 240 23.36 13.04 -36.25
C LYS B 240 23.69 13.73 -34.95
N ASP B 241 22.89 14.71 -34.54
CA ASP B 241 23.19 15.49 -33.34
C ASP B 241 23.09 14.65 -32.08
N PHE B 242 22.24 13.63 -32.08
CA PHE B 242 22.12 12.78 -30.89
C PHE B 242 23.27 11.80 -30.79
N LEU B 243 23.62 11.13 -31.90
CA LEU B 243 24.70 10.13 -31.91
C LEU B 243 26.02 10.86 -32.11
N ASP B 244 26.64 11.25 -31.00
CA ASP B 244 27.92 11.95 -31.02
C ASP B 244 28.95 11.14 -30.23
N ASP B 245 30.09 10.87 -30.85
CA ASP B 245 31.21 10.16 -30.26
C ASP B 245 30.87 8.73 -29.86
N SER B 246 29.70 8.23 -30.27
CA SER B 246 29.17 6.98 -29.74
C SER B 246 29.65 5.78 -30.54
N GLN B 247 29.84 4.66 -29.84
CA GLN B 247 30.09 3.37 -30.47
C GLN B 247 28.73 2.73 -30.73
N VAL B 248 28.19 2.97 -31.92
CA VAL B 248 26.84 2.56 -32.25
C VAL B 248 26.85 1.09 -32.66
N ASP B 249 25.89 0.33 -32.13
CA ASP B 249 25.66 -1.05 -32.53
C ASP B 249 24.36 -1.12 -33.32
N ILE B 250 24.47 -1.37 -34.62
CA ILE B 250 23.29 -1.52 -35.46
C ILE B 250 22.74 -2.93 -35.29
N ILE B 251 21.45 -3.01 -34.95
CA ILE B 251 20.76 -4.29 -34.83
C ILE B 251 19.72 -4.32 -35.93
N GLY B 252 19.90 -5.24 -36.89
CA GLY B 252 19.02 -5.31 -38.04
C GLY B 252 19.77 -5.38 -39.35
N GLY B 253 19.16 -5.94 -40.38
CA GLY B 253 19.80 -6.12 -41.67
C GLY B 253 19.82 -4.85 -42.49
N GLU B 254 20.28 -4.99 -43.72
CA GLU B 254 20.39 -3.86 -44.65
C GLU B 254 19.05 -3.42 -45.21
N ASN B 255 17.99 -4.22 -45.06
CA ASN B 255 16.68 -3.83 -45.54
C ASN B 255 15.98 -2.83 -44.62
N SER B 256 16.38 -2.77 -43.35
CA SER B 256 15.85 -1.79 -42.41
C SER B 256 16.84 -0.69 -42.07
N VAL B 257 18.14 -1.01 -42.03
CA VAL B 257 19.20 -0.01 -41.87
C VAL B 257 20.16 -0.24 -43.03
N SER B 258 19.99 0.55 -44.09
CA SER B 258 20.72 0.31 -45.33
C SER B 258 22.22 0.56 -45.14
N LYS B 259 23.00 0.04 -46.09
CA LYS B 259 24.44 0.30 -46.09
C LYS B 259 24.73 1.78 -46.22
N ASP B 260 23.85 2.52 -46.92
CA ASP B 260 23.97 3.98 -46.96
C ASP B 260 23.82 4.57 -45.56
N VAL B 261 22.83 4.10 -44.80
CA VAL B 261 22.63 4.57 -43.44
C VAL B 261 23.80 4.16 -42.55
N GLU B 262 24.28 2.92 -42.70
CA GLU B 262 25.40 2.44 -41.90
C GLU B 262 26.65 3.28 -42.14
N ASN B 263 26.96 3.57 -43.41
CA ASN B 263 28.09 4.43 -43.72
C ASN B 263 27.85 5.86 -43.24
N ALA B 264 26.59 6.31 -43.28
CA ALA B 264 26.28 7.63 -42.74
C ALA B 264 26.53 7.68 -41.24
N ILE B 265 26.20 6.60 -40.52
CA ILE B 265 26.51 6.55 -39.09
C ILE B 265 28.01 6.46 -38.89
N ASP B 266 28.72 5.74 -39.75
CA ASP B 266 30.17 5.73 -39.69
C ASP B 266 30.74 7.12 -39.93
N ASP B 267 30.14 7.86 -40.86
CA ASP B 267 30.59 9.23 -41.13
C ASP B 267 30.18 10.21 -40.04
N ALA B 268 29.19 9.86 -39.21
CA ALA B 268 28.67 10.77 -38.20
C ALA B 268 29.17 10.46 -36.80
N THR B 269 29.81 9.31 -36.58
CA THR B 269 30.30 8.94 -35.26
C THR B 269 31.80 8.72 -35.17
N GLY B 270 32.48 8.58 -36.31
CA GLY B 270 33.92 8.36 -36.30
C GLY B 270 34.35 6.94 -35.99
N LYS B 271 33.40 6.03 -35.77
CA LYS B 271 33.68 4.64 -35.48
C LYS B 271 32.78 3.77 -36.34
N SER B 272 33.34 2.66 -36.82
CA SER B 272 32.56 1.74 -37.63
C SER B 272 31.49 1.09 -36.76
N PRO B 273 30.20 1.20 -37.11
CA PRO B 273 29.17 0.56 -36.30
C PRO B 273 29.36 -0.95 -36.26
N ASP B 274 29.11 -1.53 -35.09
CA ASP B 274 29.20 -2.98 -34.91
C ASP B 274 27.82 -3.58 -35.18
N ARG B 275 27.63 -4.04 -36.41
CA ARG B 275 26.33 -4.58 -36.81
C ARG B 275 26.15 -5.99 -36.26
N TYR B 276 25.04 -6.20 -35.55
CA TYR B 276 24.63 -7.52 -35.09
C TYR B 276 23.34 -7.84 -35.83
N SER B 277 23.42 -8.70 -36.84
CA SER B 277 22.27 -8.98 -37.67
C SER B 277 22.39 -10.35 -38.32
N GLY B 278 21.29 -11.09 -38.32
CA GLY B 278 21.14 -12.27 -39.15
C GLY B 278 20.22 -12.03 -40.32
N ASP B 279 19.84 -13.12 -40.97
CA ASP B 279 18.92 -13.03 -42.10
C ASP B 279 17.51 -12.64 -41.67
N ASP B 280 17.15 -12.89 -40.42
CA ASP B 280 15.85 -12.52 -39.88
C ASP B 280 16.01 -12.08 -38.43
N ARG B 281 14.89 -11.78 -37.78
CA ARG B 281 14.92 -11.30 -36.41
C ARG B 281 15.44 -12.36 -35.45
N GLN B 282 15.09 -13.63 -35.69
CA GLN B 282 15.52 -14.70 -34.78
C GLN B 282 17.02 -14.91 -34.84
N ALA B 283 17.61 -14.80 -36.02
CA ALA B 283 19.07 -14.92 -36.13
C ALA B 283 19.77 -13.71 -35.50
N THR B 284 19.18 -12.52 -35.61
CA THR B 284 19.73 -11.36 -34.95
C THR B 284 19.71 -11.52 -33.43
N ASN B 285 18.60 -12.05 -32.90
CA ASN B 285 18.51 -12.28 -31.46
C ASN B 285 19.55 -13.29 -30.99
N ALA B 286 19.87 -14.28 -31.82
CA ALA B 286 20.84 -15.30 -31.43
C ALA B 286 22.23 -14.70 -31.27
N LYS B 287 22.61 -13.77 -32.15
CA LYS B 287 23.91 -13.14 -32.02
C LYS B 287 23.99 -12.26 -30.78
N VAL B 288 22.87 -11.67 -30.38
CA VAL B 288 22.84 -10.85 -29.17
C VAL B 288 23.08 -11.72 -27.93
N ILE B 289 22.41 -12.86 -27.85
CA ILE B 289 22.59 -13.76 -26.72
C ILE B 289 24.01 -14.32 -26.70
N LYS B 290 24.56 -14.60 -27.88
CA LYS B 290 25.86 -15.25 -27.98
C LYS B 290 27.00 -14.35 -27.51
N GLU B 291 26.81 -13.02 -27.58
CA GLU B 291 27.91 -12.10 -27.31
C GLU B 291 28.38 -12.22 -25.87
N SER B 292 29.70 -12.28 -25.68
CA SER B 292 30.26 -12.47 -24.36
C SER B 292 30.09 -11.23 -23.49
N SER B 293 30.38 -10.05 -24.05
CA SER B 293 30.27 -8.82 -23.28
C SER B 293 28.83 -8.40 -23.02
N TYR B 294 27.86 -9.11 -23.59
CA TYR B 294 26.45 -8.77 -23.39
C TYR B 294 25.89 -9.37 -22.10
N TYR B 295 26.15 -10.66 -21.85
CA TYR B 295 25.56 -11.33 -20.70
C TYR B 295 26.56 -12.13 -19.87
N GLN B 296 27.82 -12.22 -20.27
CA GLN B 296 28.81 -13.02 -19.56
C GLN B 296 29.85 -12.19 -18.83
N ASP B 297 30.53 -11.28 -19.54
CA ASP B 297 31.57 -10.46 -18.93
C ASP B 297 31.03 -9.47 -17.92
N ASN B 298 29.71 -9.26 -17.88
CA ASN B 298 29.14 -8.34 -16.90
C ASN B 298 29.16 -8.92 -15.50
N LEU B 299 29.18 -10.24 -15.38
CA LEU B 299 29.01 -10.90 -14.09
C LEU B 299 30.21 -10.65 -13.18
N ASN B 300 29.93 -10.60 -11.87
CA ASN B 300 30.95 -10.46 -10.85
C ASN B 300 31.24 -11.76 -10.11
N ASN B 301 30.43 -12.81 -10.33
CA ASN B 301 30.63 -14.10 -9.69
C ASN B 301 31.45 -15.01 -10.59
N ASP B 302 31.82 -16.17 -10.03
CA ASP B 302 32.59 -17.15 -10.79
C ASP B 302 31.75 -17.92 -11.80
N LYS B 303 30.45 -17.74 -11.79
CA LYS B 303 29.53 -18.49 -12.64
C LYS B 303 29.22 -17.73 -13.92
N LYS B 304 28.67 -18.46 -14.89
CA LYS B 304 28.28 -17.91 -16.18
C LYS B 304 26.78 -17.58 -16.17
N VAL B 305 26.23 -17.30 -17.36
CA VAL B 305 24.81 -16.93 -17.46
C VAL B 305 23.95 -18.04 -16.89
N VAL B 306 22.99 -17.67 -16.05
CA VAL B 306 22.19 -18.64 -15.33
C VAL B 306 20.70 -18.40 -15.60
N ASN B 307 20.28 -17.13 -15.53
CA ASN B 307 18.88 -16.76 -15.65
C ASN B 307 18.55 -16.34 -17.08
N PHE B 308 17.32 -16.63 -17.51
CA PHE B 308 16.88 -16.38 -18.87
C PHE B 308 15.43 -15.94 -18.89
N PHE B 309 15.08 -15.14 -19.90
CA PHE B 309 13.71 -14.73 -20.17
C PHE B 309 13.33 -15.18 -21.58
N VAL B 310 12.06 -15.01 -21.92
CA VAL B 310 11.56 -15.35 -23.25
C VAL B 310 10.28 -14.57 -23.50
N ALA B 311 10.17 -13.98 -24.69
CA ALA B 311 9.01 -13.19 -25.07
C ALA B 311 8.68 -13.48 -26.53
N LYS B 312 7.60 -12.87 -27.01
CA LYS B 312 7.13 -13.07 -28.37
C LYS B 312 7.89 -12.17 -29.36
N ASP B 313 7.88 -12.59 -30.62
CA ASP B 313 8.34 -11.77 -31.72
C ASP B 313 7.15 -11.32 -32.57
N GLY B 314 7.38 -10.33 -33.42
CA GLY B 314 6.31 -9.74 -34.18
C GLY B 314 6.16 -10.29 -35.58
N SER B 315 6.39 -11.59 -35.75
CA SER B 315 6.31 -12.22 -37.07
C SER B 315 4.89 -12.23 -37.63
N THR B 316 3.88 -11.96 -36.80
CA THR B 316 2.49 -12.15 -37.21
C THR B 316 1.72 -10.82 -37.25
N LYS B 317 1.67 -10.09 -36.14
CA LYS B 317 0.90 -8.86 -36.06
C LYS B 317 1.75 -7.61 -35.89
N GLU B 318 3.03 -7.77 -35.52
CA GLU B 318 3.99 -6.69 -35.27
C GLU B 318 3.61 -5.87 -34.05
N ASP B 319 2.51 -6.19 -33.38
CA ASP B 319 2.08 -5.52 -32.16
C ASP B 319 2.28 -6.37 -30.92
N GLN B 320 2.74 -7.61 -31.08
CA GLN B 320 3.00 -8.46 -29.91
C GLN B 320 4.23 -8.02 -29.16
N LEU B 321 5.17 -7.37 -29.84
CA LEU B 321 6.45 -6.96 -29.26
C LEU B 321 6.30 -6.04 -28.07
N VAL B 322 5.10 -5.51 -27.81
CA VAL B 322 4.87 -4.68 -26.63
C VAL B 322 5.12 -5.47 -25.35
N ASP B 323 4.95 -6.79 -25.38
CA ASP B 323 5.22 -7.59 -24.19
C ASP B 323 6.70 -7.64 -23.88
N ALA B 324 7.54 -7.73 -24.92
CA ALA B 324 8.98 -7.62 -24.71
C ALA B 324 9.39 -6.24 -24.24
N LEU B 325 8.59 -5.21 -24.51
CA LEU B 325 8.86 -3.88 -23.99
C LEU B 325 8.85 -3.87 -22.47
N ALA B 326 7.76 -4.37 -21.88
CA ALA B 326 7.61 -4.32 -20.43
C ALA B 326 8.48 -5.33 -19.72
N ALA B 327 8.88 -6.42 -20.39
CA ALA B 327 9.71 -7.42 -19.77
C ALA B 327 11.16 -7.00 -19.68
N ALA B 328 11.64 -6.19 -20.63
CA ALA B 328 13.05 -5.82 -20.67
C ALA B 328 13.57 -5.17 -19.39
N PRO B 329 12.87 -4.24 -18.74
CA PRO B 329 13.41 -3.68 -17.48
C PRO B 329 13.61 -4.73 -16.39
N VAL B 330 12.78 -5.77 -16.37
CA VAL B 330 12.87 -6.78 -15.31
C VAL B 330 14.03 -7.73 -15.58
N ALA B 331 14.12 -8.24 -16.81
CA ALA B 331 15.17 -9.21 -17.14
C ALA B 331 16.56 -8.63 -16.90
N ALA B 332 16.72 -7.34 -17.12
CA ALA B 332 18.02 -6.69 -16.94
C ALA B 332 18.44 -6.58 -15.49
N ASN B 333 17.54 -6.85 -14.53
CA ASN B 333 17.83 -6.68 -13.11
C ASN B 333 17.65 -7.98 -12.33
N PHE B 334 17.41 -9.10 -13.02
CA PHE B 334 17.15 -10.37 -12.34
C PHE B 334 18.40 -10.84 -11.59
N GLY B 335 18.16 -11.57 -10.50
CA GLY B 335 19.25 -12.18 -9.75
C GLY B 335 19.22 -11.91 -8.27
N VAL B 336 18.80 -10.70 -7.88
CA VAL B 336 18.77 -10.30 -6.48
C VAL B 336 17.51 -9.49 -6.23
N THR B 337 17.05 -9.52 -4.97
CA THR B 337 15.87 -8.78 -4.55
C THR B 337 16.31 -7.66 -3.60
N LEU B 338 15.97 -6.43 -3.96
CA LEU B 338 16.39 -5.25 -3.20
C LEU B 338 15.17 -4.60 -2.54
N ASN B 339 15.38 -4.07 -1.34
CA ASN B 339 14.36 -3.30 -0.65
C ASN B 339 14.44 -1.84 -1.10
N SER B 340 13.66 -0.97 -0.47
CA SER B 340 13.73 0.46 -0.79
C SER B 340 15.06 1.09 -0.40
N ASP B 341 15.86 0.41 0.42
CA ASP B 341 17.19 0.87 0.77
C ASP B 341 18.28 0.34 -0.15
N GLY B 342 17.90 -0.40 -1.19
CA GLY B 342 18.88 -0.95 -2.12
C GLY B 342 19.71 -2.07 -1.56
N LYS B 343 19.24 -2.74 -0.51
CA LYS B 343 20.00 -3.82 0.10
C LYS B 343 19.43 -5.18 -0.31
N PRO B 344 20.29 -6.17 -0.50
CA PRO B 344 19.78 -7.50 -0.87
C PRO B 344 19.11 -8.18 0.32
N VAL B 345 17.91 -8.71 0.08
CA VAL B 345 17.12 -9.33 1.13
C VAL B 345 16.76 -10.76 0.72
N ASP B 346 16.40 -11.55 1.72
CA ASP B 346 15.98 -12.92 1.49
C ASP B 346 14.47 -12.97 1.25
N LYS B 347 13.92 -14.18 1.31
CA LYS B 347 12.49 -14.39 1.16
C LYS B 347 11.71 -13.67 2.25
N ASP B 348 12.18 -13.73 3.50
CA ASP B 348 11.51 -13.09 4.63
C ASP B 348 11.78 -11.59 4.69
N GLY B 349 12.74 -11.08 3.93
CA GLY B 349 13.03 -9.66 3.91
C GLY B 349 14.19 -9.21 4.75
N LYS B 350 14.95 -10.13 5.35
CA LYS B 350 16.10 -9.76 6.15
C LYS B 350 17.32 -9.56 5.27
N VAL B 351 18.11 -8.54 5.59
CA VAL B 351 19.30 -8.23 4.79
C VAL B 351 20.31 -9.37 4.91
N LEU B 352 21.19 -9.44 3.90
CA LEU B 352 22.19 -10.50 3.80
C LEU B 352 23.55 -9.94 4.18
N THR B 353 24.24 -10.63 5.08
CA THR B 353 25.52 -10.19 5.60
C THR B 353 26.66 -11.02 4.99
N GLY B 354 27.85 -10.44 4.99
CA GLY B 354 29.02 -11.08 4.44
C GLY B 354 29.33 -10.62 3.03
N SER B 355 30.62 -10.58 2.71
CA SER B 355 31.05 -10.16 1.38
C SER B 355 30.63 -11.15 0.31
N ASP B 356 30.33 -12.40 0.68
CA ASP B 356 29.86 -13.37 -0.30
C ASP B 356 28.50 -12.97 -0.87
N ASN B 357 27.69 -12.26 -0.10
CA ASN B 357 26.34 -11.88 -0.49
C ASN B 357 26.27 -10.45 -1.03
N ASP B 358 27.32 -9.99 -1.71
CA ASP B 358 27.28 -8.70 -2.37
C ASP B 358 26.23 -8.70 -3.46
N LYS B 359 25.35 -7.70 -3.46
CA LYS B 359 24.26 -7.66 -4.41
C LYS B 359 24.76 -7.59 -5.85
N ASN B 360 25.97 -7.09 -6.08
CA ASN B 360 26.57 -7.11 -7.41
C ASN B 360 27.10 -8.48 -7.79
N LYS B 361 27.33 -9.36 -6.81
CA LYS B 361 27.73 -10.73 -7.08
C LYS B 361 26.52 -11.66 -7.19
N LEU B 362 25.48 -11.44 -6.39
CA LEU B 362 24.29 -12.28 -6.44
C LEU B 362 23.44 -12.00 -7.68
N VAL B 363 23.57 -10.82 -8.28
CA VAL B 363 22.76 -10.50 -9.45
C VAL B 363 23.27 -11.29 -10.65
N SER B 364 22.35 -11.73 -11.50
CA SER B 364 22.70 -12.40 -12.76
C SER B 364 21.62 -12.06 -13.77
N PRO B 365 21.91 -11.17 -14.71
CA PRO B 365 20.88 -10.71 -15.65
C PRO B 365 20.49 -11.81 -16.62
N ALA B 366 19.38 -11.58 -17.31
CA ALA B 366 18.76 -12.57 -18.18
C ALA B 366 18.46 -11.97 -19.55
N PRO B 367 18.84 -12.65 -20.64
CA PRO B 367 18.40 -12.21 -21.96
C PRO B 367 16.93 -12.54 -22.18
N ILE B 368 16.33 -11.85 -23.14
CA ILE B 368 15.01 -12.21 -23.64
C ILE B 368 15.22 -12.95 -24.95
N VAL B 369 14.90 -14.25 -24.94
CA VAL B 369 14.96 -15.05 -26.16
C VAL B 369 13.70 -14.77 -26.96
N LEU B 370 13.84 -14.07 -28.07
CA LEU B 370 12.70 -13.68 -28.88
C LEU B 370 12.24 -14.89 -29.70
N ALA B 371 11.08 -15.43 -29.35
CA ALA B 371 10.55 -16.62 -30.02
C ALA B 371 9.06 -16.70 -29.76
N THR B 372 8.25 -16.63 -30.81
CA THR B 372 6.81 -16.79 -30.71
C THR B 372 6.35 -18.21 -30.97
N ASP B 373 6.79 -18.80 -32.09
CA ASP B 373 6.34 -20.13 -32.49
C ASP B 373 7.46 -21.17 -32.58
N SER B 374 8.72 -20.75 -32.69
CA SER B 374 9.82 -21.70 -32.79
C SER B 374 11.08 -21.07 -32.22
N LEU B 375 12.04 -21.94 -31.88
CA LEU B 375 13.32 -21.53 -31.34
C LEU B 375 14.41 -21.85 -32.35
N SER B 376 15.14 -20.84 -32.78
CA SER B 376 16.20 -21.04 -33.76
C SER B 376 17.36 -21.80 -33.14
N SER B 377 18.02 -22.62 -33.97
CA SER B 377 19.15 -23.40 -33.49
C SER B 377 20.33 -22.50 -33.12
N ASP B 378 20.44 -21.34 -33.76
CA ASP B 378 21.51 -20.40 -33.42
C ASP B 378 21.34 -19.89 -31.99
N GLN B 379 20.08 -19.65 -31.57
CA GLN B 379 19.81 -19.28 -30.19
C GLN B 379 20.20 -20.40 -29.24
N SER B 380 19.90 -21.64 -29.61
CA SER B 380 20.17 -22.78 -28.72
C SER B 380 21.65 -22.94 -28.47
N VAL B 381 22.48 -22.74 -29.50
CA VAL B 381 23.92 -22.84 -29.33
C VAL B 381 24.42 -21.77 -28.36
N SER B 382 23.90 -20.54 -28.51
CA SER B 382 24.34 -19.45 -27.64
C SER B 382 23.99 -19.72 -26.19
N ILE B 383 22.76 -20.18 -25.92
CA ILE B 383 22.32 -20.40 -24.55
C ILE B 383 23.16 -21.48 -23.89
N SER B 384 23.52 -22.53 -24.64
CA SER B 384 24.32 -23.61 -24.07
C SER B 384 25.74 -23.13 -23.77
N LYS B 385 26.34 -22.34 -24.65
CA LYS B 385 27.72 -21.89 -24.44
C LYS B 385 27.82 -20.95 -23.26
N VAL B 386 26.82 -20.08 -23.08
CA VAL B 386 26.87 -19.10 -21.99
C VAL B 386 26.48 -19.68 -20.64
N LEU B 387 26.00 -20.92 -20.60
CA LEU B 387 25.55 -21.51 -19.34
C LEU B 387 26.73 -21.96 -18.48
N ASP B 388 26.53 -21.91 -17.17
CA ASP B 388 27.53 -22.33 -16.21
C ASP B 388 27.50 -23.85 -16.04
N LYS B 389 28.62 -24.39 -15.52
CA LYS B 389 28.74 -25.82 -15.33
C LYS B 389 27.68 -26.36 -14.37
N ASP B 390 27.38 -25.60 -13.32
CA ASP B 390 26.42 -26.05 -12.31
C ASP B 390 24.97 -25.93 -12.77
N ASN B 391 24.74 -25.34 -13.96
CA ASN B 391 23.46 -25.27 -14.65
C ASN B 391 22.65 -24.04 -14.23
N GLY B 392 21.45 -23.86 -14.82
CA GLY B 392 20.68 -22.65 -14.63
C GLY B 392 19.75 -22.69 -13.43
N GLU B 393 19.15 -21.53 -13.14
CA GLU B 393 18.33 -21.39 -11.93
C GLU B 393 17.04 -20.61 -12.11
N ASN B 394 16.76 -20.05 -13.30
CA ASN B 394 15.53 -19.29 -13.47
C ASN B 394 15.19 -19.16 -14.96
N LEU B 395 13.89 -19.22 -15.27
CA LEU B 395 13.39 -19.00 -16.62
C LEU B 395 12.02 -18.35 -16.52
N VAL B 396 11.88 -17.17 -17.11
CA VAL B 396 10.65 -16.38 -17.00
C VAL B 396 10.05 -16.19 -18.38
N GLN B 397 8.82 -16.65 -18.56
CA GLN B 397 8.06 -16.43 -19.77
C GLN B 397 7.16 -15.20 -19.60
N VAL B 398 7.11 -14.36 -20.63
CA VAL B 398 6.38 -13.10 -20.57
C VAL B 398 5.37 -13.07 -21.70
N GLY B 399 4.10 -12.90 -21.36
CA GLY B 399 3.05 -12.77 -22.34
C GLY B 399 2.41 -14.10 -22.71
N LYS B 400 1.23 -14.01 -23.31
CA LYS B 400 0.51 -15.17 -23.81
C LYS B 400 0.85 -15.41 -25.28
N GLY B 401 0.87 -16.68 -25.67
CA GLY B 401 1.08 -17.05 -27.06
C GLY B 401 2.39 -17.70 -27.38
N ILE B 402 3.33 -17.78 -26.43
CA ILE B 402 4.59 -18.47 -26.67
C ILE B 402 4.37 -19.97 -26.61
N ALA B 403 4.79 -20.68 -27.64
CA ALA B 403 4.63 -22.12 -27.68
C ALA B 403 5.44 -22.77 -26.56
N THR B 404 4.84 -23.77 -25.92
CA THR B 404 5.57 -24.51 -24.88
C THR B 404 6.74 -25.27 -25.48
N SER B 405 6.71 -25.57 -26.78
CA SER B 405 7.83 -26.25 -27.42
C SER B 405 9.12 -25.45 -27.27
N VAL B 406 9.02 -24.13 -27.33
CA VAL B 406 10.18 -23.29 -27.03
C VAL B 406 10.54 -23.38 -25.56
N ILE B 407 9.53 -23.48 -24.69
CA ILE B 407 9.77 -23.39 -23.25
C ILE B 407 10.56 -24.59 -22.74
N ASN B 408 10.13 -25.80 -23.11
CA ASN B 408 10.78 -26.98 -22.55
C ASN B 408 12.13 -27.25 -23.19
N LYS B 409 12.33 -26.81 -24.44
CA LYS B 409 13.66 -26.89 -25.03
C LYS B 409 14.64 -25.99 -24.27
N LEU B 410 14.19 -24.81 -23.86
CA LEU B 410 15.00 -23.96 -23.00
C LEU B 410 15.36 -24.70 -21.72
N LYS B 411 14.36 -25.31 -21.07
CA LYS B 411 14.61 -26.01 -19.82
C LYS B 411 15.66 -27.10 -19.97
N ASP B 412 15.81 -27.67 -21.18
CA ASP B 412 16.85 -28.67 -21.40
C ASP B 412 18.24 -28.03 -21.48
N LEU B 413 18.35 -26.88 -22.14
CA LEU B 413 19.64 -26.19 -22.17
C LEU B 413 20.06 -25.78 -20.77
N LEU B 414 19.19 -25.08 -20.04
CA LEU B 414 19.45 -24.72 -18.66
C LEU B 414 19.45 -25.92 -17.72
N SER B 415 18.97 -27.08 -18.19
CA SER B 415 18.94 -28.32 -17.40
C SER B 415 18.12 -28.14 -16.13
N MET B 416 16.94 -27.54 -16.27
CA MET B 416 15.98 -27.47 -15.18
C MET B 416 14.81 -28.41 -15.43
N ASP C 3 12.96 25.49 11.68
CA ASP C 3 14.21 25.24 12.38
C ASP C 3 14.92 24.04 11.78
N MET C 4 15.56 24.25 10.64
CA MET C 4 16.29 23.19 9.94
C MET C 4 17.19 23.86 8.90
N SER C 5 17.92 23.03 8.15
CA SER C 5 18.76 23.50 7.05
C SER C 5 18.13 23.28 5.69
N LYS C 6 17.46 22.14 5.49
CA LYS C 6 16.77 21.87 4.25
C LYS C 6 15.54 22.78 4.12
N VAL C 7 15.05 22.92 2.90
CA VAL C 7 13.90 23.77 2.58
C VAL C 7 12.70 22.89 2.29
N GLU C 8 11.58 23.19 2.92
CA GLU C 8 10.36 22.41 2.82
C GLU C 8 9.17 23.37 2.77
N THR C 9 7.99 22.83 2.48
CA THR C 9 6.78 23.64 2.47
C THR C 9 6.50 24.19 3.86
N GLY C 10 6.22 25.50 3.93
CA GLY C 10 5.91 26.16 5.17
C GLY C 10 7.04 26.98 5.76
N ASP C 11 8.28 26.70 5.40
CA ASP C 11 9.39 27.52 5.86
C ASP C 11 9.29 28.93 5.27
N GLN C 12 9.94 29.88 5.94
CA GLN C 12 9.89 31.26 5.52
C GLN C 12 10.71 31.46 4.24
N GLY C 13 10.11 32.11 3.25
CA GLY C 13 10.81 32.33 2.00
C GLY C 13 9.90 32.95 0.96
N TYR C 14 10.28 32.79 -0.31
CA TYR C 14 9.59 33.42 -1.42
C TYR C 14 9.01 32.39 -2.38
N THR C 15 8.04 32.83 -3.18
CA THR C 15 7.38 31.98 -4.16
C THR C 15 6.98 32.83 -5.37
N VAL C 16 7.21 32.29 -6.57
CA VAL C 16 7.02 33.06 -7.79
C VAL C 16 6.49 32.12 -8.88
N VAL C 17 5.60 32.65 -9.72
CA VAL C 17 4.98 31.89 -10.81
C VAL C 17 5.97 31.70 -11.95
N GLN C 18 5.85 30.57 -12.65
CA GLN C 18 6.76 30.24 -13.74
C GLN C 18 6.68 31.26 -14.88
N SER C 19 5.51 31.89 -15.08
CA SER C 19 5.39 32.88 -16.14
C SER C 19 6.26 34.10 -15.89
N LYS C 20 6.70 34.31 -14.64
CA LYS C 20 7.59 35.40 -14.29
C LYS C 20 8.96 34.89 -13.84
N TYR C 21 9.35 33.69 -14.26
CA TYR C 21 10.63 33.13 -13.82
C TYR C 21 11.81 33.86 -14.45
N LYS C 22 11.66 34.37 -15.67
CA LYS C 22 12.76 35.04 -16.34
C LYS C 22 13.23 36.26 -15.54
N LYS C 23 12.28 37.06 -15.06
CA LYS C 23 12.64 38.15 -14.15
C LYS C 23 13.10 37.61 -12.80
N ALA C 24 12.54 36.48 -12.35
CA ALA C 24 12.93 35.89 -11.08
C ALA C 24 14.37 35.40 -11.09
N VAL C 25 14.94 35.16 -12.26
CA VAL C 25 16.34 34.73 -12.35
C VAL C 25 17.22 35.94 -12.05
N GLU C 26 17.94 35.88 -10.94
CA GLU C 26 18.88 36.94 -10.54
C GLU C 26 20.26 36.28 -10.40
N GLN C 27 21.06 36.38 -11.45
CA GLN C 27 22.36 35.72 -11.49
C GLN C 27 23.42 36.51 -10.74
N ILE C 40 24.71 28.92 -3.52
CA ILE C 40 23.33 28.65 -3.92
C ILE C 40 23.18 27.15 -4.21
N LYS C 41 22.79 26.40 -3.17
CA LYS C 41 22.62 24.96 -3.27
C LYS C 41 21.26 24.66 -3.92
N ILE C 42 21.25 24.68 -5.25
CA ILE C 42 20.02 24.46 -6.00
C ILE C 42 19.57 23.01 -5.86
N PHE C 43 18.30 22.82 -5.50
CA PHE C 43 17.71 21.50 -5.42
C PHE C 43 16.41 21.49 -6.20
N PHE C 44 16.25 20.49 -7.07
CA PHE C 44 14.92 20.11 -7.57
C PHE C 44 14.55 18.82 -6.85
N GLU C 45 13.70 18.95 -5.82
CA GLU C 45 13.28 17.81 -5.01
C GLU C 45 14.51 17.13 -4.43
N GLY C 46 15.21 16.35 -5.26
CA GLY C 46 16.49 15.81 -4.86
C GLY C 46 17.61 16.84 -4.92
N THR C 47 18.67 16.55 -4.17
CA THR C 47 19.78 17.48 -4.02
C THR C 47 20.58 17.61 -5.31
N LEU C 48 21.20 18.78 -5.49
CA LEU C 48 22.04 19.08 -6.64
C LEU C 48 22.91 20.28 -6.27
N ALA C 49 23.96 20.50 -7.05
CA ALA C 49 24.80 21.70 -6.94
C ALA C 49 25.33 21.93 -5.53
N TYR C 68 32.45 28.33 -14.81
CA TYR C 68 31.33 28.67 -15.68
C TYR C 68 30.00 28.35 -15.01
N CYS C 69 28.90 28.79 -15.62
CA CYS C 69 27.57 28.61 -15.07
C CYS C 69 26.88 27.45 -15.77
N LEU C 70 26.63 26.37 -15.01
CA LEU C 70 25.85 25.24 -15.50
C LEU C 70 24.38 25.55 -15.23
N HIS C 71 23.71 26.12 -16.22
CA HIS C 71 22.31 26.50 -16.07
C HIS C 71 21.50 25.79 -17.15
N LYS C 72 21.15 24.53 -16.87
CA LYS C 72 19.97 23.92 -17.46
C LYS C 72 18.74 24.27 -16.64
N VAL C 73 18.94 25.05 -15.57
CA VAL C 73 17.82 25.50 -14.75
C VAL C 73 16.80 26.23 -15.61
N ASP C 74 17.26 27.08 -16.54
CA ASP C 74 16.33 27.77 -17.43
C ASP C 74 15.52 26.77 -18.25
N ASN C 75 16.16 25.70 -18.73
CA ASN C 75 15.41 24.61 -19.32
C ASN C 75 14.50 23.95 -18.29
N LYS C 76 15.03 23.71 -17.09
CA LYS C 76 14.19 23.20 -16.00
C LYS C 76 13.11 24.21 -15.64
N LEU C 77 13.49 25.47 -15.40
CA LEU C 77 12.54 26.51 -15.01
C LEU C 77 11.43 26.71 -16.04
N ASP C 78 11.50 26.04 -17.20
CA ASP C 78 10.31 25.82 -18.00
C ASP C 78 9.53 24.65 -17.40
N ASN C 79 9.21 24.77 -16.10
CA ASN C 79 8.50 23.75 -15.36
C ASN C 79 7.05 23.65 -15.86
N LEU C 80 6.30 22.72 -15.29
CA LEU C 80 4.91 22.52 -15.68
C LEU C 80 4.17 21.78 -14.57
N GLY C 81 2.85 21.67 -14.74
CA GLY C 81 1.99 20.84 -13.91
C GLY C 81 1.88 21.28 -12.45
N ASP C 82 2.51 22.42 -12.13
CA ASP C 82 2.61 23.00 -10.80
C ASP C 82 3.52 22.16 -9.92
N GLY C 83 3.78 20.93 -10.31
CA GLY C 83 4.35 19.96 -9.39
C GLY C 83 5.85 20.12 -9.28
N ASP C 84 6.50 20.26 -10.42
CA ASP C 84 7.93 20.53 -10.45
C ASP C 84 8.21 21.89 -9.83
N TYR C 85 9.30 21.96 -9.06
CA TYR C 85 9.58 23.14 -8.26
C TYR C 85 11.05 23.15 -7.91
N VAL C 86 11.72 24.28 -8.12
CA VAL C 86 13.17 24.40 -7.91
C VAL C 86 13.38 25.20 -6.64
N ASP C 87 14.11 24.63 -5.69
CA ASP C 87 14.39 25.27 -4.41
C ASP C 87 15.81 25.81 -4.40
N PHE C 88 15.92 27.13 -4.45
CA PHE C 88 17.20 27.81 -4.42
C PHE C 88 17.53 28.13 -2.97
N LEU C 89 18.43 27.36 -2.38
CA LEU C 89 18.86 27.58 -1.00
C LEU C 89 20.08 28.50 -1.03
N ILE C 90 19.91 29.70 -0.50
CA ILE C 90 20.99 30.69 -0.48
C ILE C 90 21.40 30.98 0.95
N ILE C 243 20.43 30.39 4.27
CA ILE C 243 19.95 31.59 4.96
C ILE C 243 18.66 32.07 4.29
N THR C 244 18.55 31.83 2.98
CA THR C 244 17.38 32.27 2.22
C THR C 244 16.91 31.11 1.33
N LYS C 245 15.60 30.89 1.32
CA LYS C 245 14.99 29.83 0.52
C LYS C 245 14.00 30.43 -0.47
N LEU C 246 14.04 29.94 -1.72
CA LEU C 246 13.17 30.42 -2.78
C LEU C 246 12.63 29.23 -3.55
N ARG C 247 11.36 29.30 -3.93
CA ARG C 247 10.71 28.26 -4.72
C ARG C 247 9.98 28.89 -5.89
N ILE C 248 10.14 28.29 -7.06
CA ILE C 248 9.44 28.70 -8.27
C ILE C 248 8.56 27.54 -8.71
N LEU C 249 7.25 27.78 -8.76
CA LEU C 249 6.29 26.77 -9.19
C LEU C 249 5.47 27.29 -10.35
N ASN C 250 4.74 26.37 -10.99
CA ASN C 250 3.86 26.69 -12.11
C ASN C 250 2.47 26.95 -11.56
N ALA C 251 1.87 28.05 -12.00
CA ALA C 251 0.52 28.41 -11.54
C ALA C 251 -0.01 29.55 -12.40
N LYS C 252 -1.34 29.66 -12.43
CA LYS C 252 -2.01 30.75 -13.12
C LYS C 252 -1.97 32.03 -12.27
N GLU C 253 -2.23 33.16 -12.92
CA GLU C 253 -2.34 34.45 -12.23
C GLU C 253 -3.73 35.02 -12.51
N GLU C 254 -4.62 34.90 -11.53
CA GLU C 254 -5.97 35.43 -11.62
C GLU C 254 -6.05 36.79 -10.95
N THR C 255 -6.93 37.64 -11.46
CA THR C 255 -7.09 39.00 -10.98
C THR C 255 -8.56 39.29 -10.73
N ILE C 256 -8.86 39.88 -9.57
CA ILE C 256 -10.23 40.17 -9.19
C ILE C 256 -10.32 41.65 -8.80
N ASP C 257 -11.25 42.37 -9.43
CA ASP C 257 -11.52 43.77 -9.15
C ASP C 257 -12.89 43.85 -8.50
N ILE C 258 -12.93 43.89 -7.17
CA ILE C 258 -14.20 43.83 -6.46
C ILE C 258 -14.98 45.13 -6.50
N ASP C 259 -14.37 46.23 -6.93
CA ASP C 259 -15.08 47.51 -7.03
C ASP C 259 -15.66 47.69 -8.44
N ALA C 260 -16.50 46.73 -8.82
CA ALA C 260 -17.16 46.72 -10.11
C ALA C 260 -18.28 45.71 -10.07
N SER C 261 -19.38 46.01 -10.75
CA SER C 261 -20.47 45.05 -10.87
C SER C 261 -19.98 43.79 -11.56
N SER C 262 -20.51 42.64 -11.12
CA SER C 262 -20.16 41.27 -11.55
C SER C 262 -18.86 40.77 -10.95
N SER C 263 -18.29 41.47 -9.98
CA SER C 263 -17.08 40.99 -9.33
C SER C 263 -17.36 39.75 -8.49
N LYS C 264 -16.34 38.94 -8.29
CA LYS C 264 -16.48 37.74 -7.46
C LYS C 264 -16.62 38.13 -6.00
N THR C 265 -17.42 37.37 -5.27
CA THR C 265 -17.63 37.59 -3.85
C THR C 265 -16.66 36.74 -3.04
N ALA C 266 -16.34 37.20 -1.83
CA ALA C 266 -15.48 36.41 -0.95
C ALA C 266 -16.09 35.04 -0.65
N GLN C 267 -17.43 34.96 -0.59
CA GLN C 267 -18.09 33.67 -0.43
C GLN C 267 -17.84 32.79 -1.65
N ASP C 268 -18.02 33.33 -2.85
CA ASP C 268 -17.76 32.58 -4.07
C ASP C 268 -16.28 32.35 -4.32
N LEU C 269 -15.39 33.08 -3.64
CA LEU C 269 -13.96 32.83 -3.75
C LEU C 269 -13.47 31.83 -2.71
N ALA C 270 -14.17 31.72 -1.57
CA ALA C 270 -13.84 30.68 -0.61
C ALA C 270 -14.48 29.34 -0.97
N LYS C 271 -15.58 29.37 -1.72
CA LYS C 271 -16.18 28.14 -2.23
C LYS C 271 -15.29 27.45 -3.25
N LYS C 272 -14.30 28.16 -3.80
CA LYS C 272 -13.47 27.64 -4.88
C LYS C 272 -12.10 27.18 -4.41
N TYR C 273 -11.44 27.92 -3.53
CA TYR C 273 -10.06 27.65 -3.15
C TYR C 273 -9.95 27.44 -1.64
N VAL C 274 -8.92 26.67 -1.26
CA VAL C 274 -8.60 26.41 0.14
C VAL C 274 -7.33 27.19 0.50
N PHE C 275 -7.39 27.94 1.59
CA PHE C 275 -6.27 28.76 2.02
C PHE C 275 -5.79 28.31 3.39
N ASN C 276 -4.48 28.48 3.61
CA ASN C 276 -3.90 28.19 4.92
C ASN C 276 -4.49 29.13 5.97
N LYS C 277 -4.94 28.55 7.09
CA LYS C 277 -5.58 29.36 8.12
C LYS C 277 -4.60 30.33 8.77
N THR C 278 -3.40 29.85 9.10
CA THR C 278 -2.41 30.72 9.75
C THR C 278 -1.99 31.85 8.83
N ASP C 279 -1.80 31.57 7.55
CA ASP C 279 -1.43 32.61 6.59
C ASP C 279 -2.56 33.60 6.40
N LEU C 280 -3.78 33.10 6.16
CA LEU C 280 -4.93 33.98 5.99
C LEU C 280 -5.24 34.73 7.28
N ASN C 281 -4.92 34.15 8.43
CA ASN C 281 -4.97 34.90 9.68
C ASN C 281 -4.03 36.11 9.62
N THR C 282 -2.77 35.88 9.25
CA THR C 282 -1.81 36.96 9.13
C THR C 282 -2.24 37.99 8.08
N LEU C 283 -2.97 37.55 7.05
CA LEU C 283 -3.42 38.49 6.03
C LEU C 283 -4.55 39.37 6.55
N TYR C 284 -5.44 38.80 7.38
CA TYR C 284 -6.48 39.63 7.98
C TYR C 284 -5.86 40.70 8.87
N ARG C 285 -4.86 40.34 9.66
CA ARG C 285 -4.05 41.32 10.34
C ARG C 285 -3.34 42.20 9.31
N VAL C 286 -2.88 43.37 9.77
CA VAL C 286 -2.34 44.43 8.92
C VAL C 286 -3.47 45.06 8.10
N LEU C 287 -4.19 44.24 7.35
CA LEU C 287 -5.33 44.75 6.57
C LEU C 287 -6.38 45.34 7.50
N ASN C 288 -6.71 44.63 8.57
CA ASN C 288 -7.54 45.18 9.63
C ASN C 288 -6.74 46.13 10.51
N GLY C 289 -5.41 46.00 10.53
CA GLY C 289 -4.56 46.76 11.41
C GLY C 289 -4.07 46.00 12.62
N ASP C 290 -4.24 44.68 12.66
CA ASP C 290 -3.89 43.87 13.82
C ASP C 290 -2.43 43.43 13.81
N GLU C 291 -1.64 43.88 12.84
CA GLU C 291 -0.22 43.55 12.77
C GLU C 291 0.47 44.59 11.89
N ALA C 292 1.73 44.32 11.57
CA ALA C 292 2.53 45.19 10.72
C ALA C 292 2.99 44.42 9.48
N ASP C 293 2.90 45.08 8.32
CA ASP C 293 3.25 44.42 7.07
C ASP C 293 4.76 44.28 6.92
N THR C 294 5.36 43.38 7.68
CA THR C 294 6.80 43.16 7.57
C THR C 294 7.17 42.60 6.20
N ASN C 295 6.40 41.63 5.71
CA ASN C 295 6.65 41.02 4.40
C ASN C 295 6.00 41.79 3.26
N ARG C 296 5.32 42.90 3.56
CA ARG C 296 4.67 43.75 2.56
C ARG C 296 3.75 42.94 1.64
N VAL C 298 0.46 43.44 1.34
CA VAL C 298 -0.49 44.39 0.76
C VAL C 298 0.25 45.37 -0.15
N GLU C 299 -0.34 45.64 -1.32
CA GLU C 299 0.32 46.44 -2.33
C GLU C 299 -0.73 47.20 -3.11
N GLU C 300 -0.34 48.33 -3.69
CA GLU C 300 -1.21 49.15 -4.52
C GLU C 300 -0.61 49.28 -5.91
N VAL C 301 -1.35 48.85 -6.91
CA VAL C 301 -0.94 48.97 -8.31
C VAL C 301 -2.13 49.49 -9.11
N SER C 302 -1.88 50.45 -10.00
CA SER C 302 -2.90 51.08 -10.84
C SER C 302 -3.96 51.81 -10.02
N GLY C 303 -3.62 52.23 -8.81
CA GLY C 303 -4.57 52.88 -7.93
C GLY C 303 -5.47 51.94 -7.16
N LYS C 304 -5.48 50.66 -7.50
CA LYS C 304 -6.32 49.67 -6.85
C LYS C 304 -5.49 48.91 -5.84
N TYR C 305 -5.88 48.96 -4.57
CA TYR C 305 -5.21 48.17 -3.54
C TYR C 305 -5.30 46.69 -3.88
N GLN C 306 -4.17 45.99 -3.83
CA GLN C 306 -4.12 44.60 -4.23
C GLN C 306 -3.38 43.77 -3.21
N VAL C 307 -3.71 42.47 -3.19
CA VAL C 307 -3.08 41.51 -2.29
C VAL C 307 -2.88 40.21 -3.05
N VAL C 308 -1.82 39.48 -2.68
CA VAL C 308 -1.43 38.26 -3.36
C VAL C 308 -1.84 37.06 -2.52
N LEU C 309 -2.55 36.11 -3.13
CA LEU C 309 -3.05 34.94 -2.44
C LEU C 309 -2.61 33.68 -3.17
N TYR C 310 -2.00 32.75 -2.43
CA TYR C 310 -1.56 31.46 -2.95
C TYR C 310 -2.34 30.38 -2.21
N PRO C 311 -3.49 29.96 -2.73
CA PRO C 311 -4.25 28.88 -2.09
C PRO C 311 -3.46 27.58 -2.09
N GLU C 312 -3.64 26.79 -1.04
CA GLU C 312 -2.99 25.49 -0.97
C GLU C 312 -3.57 24.49 -1.96
N GLY C 313 -4.74 24.79 -2.54
CA GLY C 313 -5.35 23.93 -3.52
C GLY C 313 -6.81 24.26 -3.72
N LYS C 314 -7.33 23.85 -4.87
CA LYS C 314 -8.74 24.05 -5.15
C LYS C 314 -9.59 23.23 -4.18
N ARG C 315 -10.71 23.81 -3.74
CA ARG C 315 -11.54 23.17 -2.73
C ARG C 315 -12.22 21.94 -3.30
N VAL C 316 -12.21 20.86 -2.53
CA VAL C 316 -12.86 19.62 -2.93
C VAL C 316 -14.37 19.75 -2.76
N ALA D 4 6.89 35.15 3.03
CA ALA D 4 6.45 34.33 4.15
C ALA D 4 6.62 32.85 3.83
N SER D 5 5.53 32.11 3.90
CA SER D 5 5.57 30.68 3.54
C SER D 5 5.94 30.53 2.08
N ILE D 6 6.58 29.40 1.77
CA ILE D 6 7.14 29.18 0.44
C ILE D 6 6.15 28.41 -0.44
N ALA D 7 4.88 28.33 0.01
CA ALA D 7 3.81 27.66 -0.72
C ALA D 7 4.06 26.17 -0.90
N ASP D 8 3.01 25.41 -1.23
CA ASP D 8 3.05 23.95 -1.21
C ASP D 8 3.31 23.35 -2.60
N GLU D 9 4.06 24.05 -3.45
CA GLU D 9 4.50 23.54 -4.76
C GLU D 9 3.34 23.01 -5.59
N ASN D 10 2.11 23.31 -5.17
CA ASN D 10 0.93 22.86 -5.89
C ASN D 10 -0.18 23.90 -5.84
N SER D 11 0.14 25.13 -5.47
CA SER D 11 -0.86 26.19 -5.45
C SER D 11 -1.46 26.36 -6.83
N PRO D 12 -2.79 26.38 -6.96
CA PRO D 12 -3.38 26.41 -8.30
C PRO D 12 -3.17 27.72 -9.03
N VAL D 13 -3.22 28.85 -8.32
CA VAL D 13 -3.27 30.15 -8.96
C VAL D 13 -2.63 31.19 -8.04
N LYS D 14 -2.07 32.22 -8.65
CA LYS D 14 -1.62 33.42 -7.94
C LYS D 14 -2.73 34.45 -8.06
N LEU D 15 -3.55 34.58 -7.02
CA LEU D 15 -4.73 35.43 -7.06
C LEU D 15 -4.36 36.86 -6.63
N THR D 16 -4.79 37.84 -7.42
CA THR D 16 -4.59 39.25 -7.12
C THR D 16 -5.96 39.90 -6.95
N LEU D 17 -6.24 40.40 -5.76
CA LEU D 17 -7.54 40.97 -5.41
C LEU D 17 -7.41 42.50 -5.38
N LYS D 18 -8.17 43.18 -6.23
CA LYS D 18 -8.00 44.62 -6.42
C LYS D 18 -9.26 45.37 -5.99
N SER D 19 -9.06 46.54 -5.38
CA SER D 19 -10.16 47.38 -4.93
C SER D 19 -9.67 48.81 -4.77
N ASP D 20 -10.58 49.76 -4.96
CA ASP D 20 -10.26 51.17 -4.74
C ASP D 20 -10.00 51.45 -3.26
N LYS D 21 -10.79 50.87 -2.37
CA LYS D 21 -10.72 51.14 -0.95
C LYS D 21 -10.13 49.95 -0.21
N LYS D 22 -9.17 50.22 0.67
CA LYS D 22 -8.54 49.15 1.44
C LYS D 22 -9.53 48.50 2.39
N LYS D 23 -10.43 49.29 2.98
CA LYS D 23 -11.43 48.73 3.89
C LYS D 23 -12.39 47.81 3.15
N ASP D 24 -12.76 48.18 1.92
CA ASP D 24 -13.61 47.31 1.11
C ASP D 24 -12.93 45.99 0.79
N LEU D 25 -11.59 45.96 0.80
CA LEU D 25 -10.85 44.73 0.57
C LEU D 25 -10.58 43.97 1.87
N LYS D 26 -10.45 44.68 2.99
CA LYS D 26 -10.32 44.00 4.28
C LYS D 26 -11.61 43.25 4.62
N ASP D 27 -12.76 43.85 4.32
CA ASP D 27 -14.03 43.14 4.49
C ASP D 27 -14.09 41.92 3.58
N TYR D 28 -13.50 42.03 2.38
CA TYR D 28 -13.41 40.88 1.49
C TYR D 28 -12.57 39.77 2.10
N VAL D 29 -11.40 40.14 2.64
CA VAL D 29 -10.55 39.14 3.30
C VAL D 29 -11.22 38.64 4.57
N ASP D 30 -11.92 39.53 5.30
CA ASP D 30 -12.65 39.12 6.49
C ASP D 30 -13.68 38.04 6.16
N ASP D 31 -14.52 38.30 5.15
CA ASP D 31 -15.48 37.30 4.72
C ASP D 31 -14.76 36.08 4.16
N LEU D 32 -13.67 36.29 3.43
CA LEU D 32 -12.89 35.17 2.89
C LEU D 32 -12.41 34.26 4.01
N ARG D 33 -11.86 34.84 5.07
CA ARG D 33 -11.37 34.03 6.19
C ARG D 33 -12.52 33.33 6.91
N THR D 34 -13.67 33.98 7.02
CA THR D 34 -14.82 33.37 7.67
C THR D 34 -15.29 32.14 6.91
N TYR D 35 -15.52 32.29 5.60
CA TYR D 35 -16.03 31.16 4.83
C TYR D 35 -14.95 30.09 4.63
N ASN D 36 -13.69 30.50 4.47
CA ASN D 36 -12.61 29.53 4.37
C ASN D 36 -12.55 28.66 5.62
N ASN D 37 -12.65 29.28 6.80
CA ASN D 37 -12.74 28.51 8.04
C ASN D 37 -14.04 27.73 8.08
N GLY D 38 -15.12 28.27 7.51
CA GLY D 38 -16.37 27.54 7.46
C GLY D 38 -16.32 26.35 6.51
N TYR D 39 -15.83 26.57 5.30
CA TYR D 39 -15.79 25.51 4.29
C TYR D 39 -14.79 24.42 4.66
N SER D 40 -13.71 24.78 5.37
CA SER D 40 -12.64 23.83 5.66
C SER D 40 -12.86 23.05 6.96
N ASN D 41 -13.66 23.58 7.89
CA ASN D 41 -13.89 22.92 9.17
C ASN D 41 -15.30 22.35 9.30
N ALA D 42 -16.31 23.03 8.77
CA ALA D 42 -17.66 22.47 8.72
C ALA D 42 -17.83 21.61 7.47
N ILE D 43 -17.02 20.55 7.42
CA ILE D 43 -16.96 19.68 6.25
C ILE D 43 -18.20 18.78 6.19
N GLU D 44 -18.49 18.30 4.99
CA GLU D 44 -19.58 17.36 4.75
C GLU D 44 -18.98 16.11 4.12
N VAL D 45 -18.74 15.08 4.94
CA VAL D 45 -18.21 13.81 4.46
C VAL D 45 -19.40 12.95 4.08
N ALA D 46 -19.69 12.89 2.78
CA ALA D 46 -20.89 12.20 2.32
C ALA D 46 -20.72 11.78 0.87
N GLY D 47 -21.59 10.87 0.44
CA GLY D 47 -21.65 10.43 -0.94
C GLY D 47 -23.08 10.30 -1.41
N GLU D 48 -23.32 9.49 -2.44
CA GLU D 48 -24.66 9.28 -2.94
C GLU D 48 -25.44 8.23 -2.17
N ASP D 49 -24.78 7.49 -1.26
CA ASP D 49 -25.42 6.46 -0.47
C ASP D 49 -24.61 6.26 0.80
N ARG D 50 -25.15 5.44 1.70
CA ARG D 50 -24.47 5.18 2.97
C ARG D 50 -23.12 4.51 2.75
N ILE D 51 -23.05 3.56 1.81
CA ILE D 51 -21.80 2.84 1.57
C ILE D 51 -20.71 3.80 1.11
N GLU D 52 -21.04 4.71 0.20
CA GLU D 52 -20.05 5.69 -0.25
C GLU D 52 -19.63 6.61 0.89
N THR D 53 -20.57 6.94 1.78
CA THR D 53 -20.22 7.78 2.93
C THR D 53 -19.22 7.08 3.84
N ALA D 54 -19.48 5.81 4.17
CA ALA D 54 -18.58 5.07 5.04
C ALA D 54 -17.21 4.88 4.40
N ILE D 55 -17.16 4.71 3.08
CA ILE D 55 -15.89 4.68 2.37
C ILE D 55 -15.17 6.01 2.54
N ALA D 56 -15.91 7.12 2.42
CA ALA D 56 -15.32 8.43 2.60
C ALA D 56 -14.75 8.61 4.01
N LEU D 57 -15.37 8.01 5.01
CA LEU D 57 -14.81 8.01 6.35
C LEU D 57 -13.48 7.26 6.39
N SER D 58 -13.43 6.08 5.77
CA SER D 58 -12.20 5.29 5.79
C SER D 58 -11.13 5.90 4.89
N GLN D 59 -11.52 6.49 3.77
CA GLN D 59 -10.54 7.15 2.90
C GLN D 59 -9.88 8.33 3.59
N LYS D 60 -10.62 9.04 4.44
CA LYS D 60 -10.14 10.27 5.05
C LYS D 60 -9.34 10.03 6.33
N TYR D 61 -9.73 9.06 7.15
CA TYR D 61 -9.22 8.94 8.50
C TYR D 61 -8.37 7.70 8.75
N TYR D 62 -8.19 6.84 7.77
CA TYR D 62 -7.43 5.60 7.96
C TYR D 62 -6.46 5.40 6.80
N ASN D 63 -5.18 5.24 7.14
CA ASN D 63 -4.10 5.10 6.16
C ASN D 63 -4.16 6.23 5.13
N SER D 64 -4.28 7.46 5.63
CA SER D 64 -4.40 8.63 4.78
C SER D 64 -3.45 9.71 5.27
N ASP D 65 -3.10 10.61 4.36
CA ASP D 65 -2.26 11.76 4.68
C ASP D 65 -3.06 12.93 5.23
N ASP D 66 -4.36 12.74 5.45
CA ASP D 66 -5.18 13.78 6.05
C ASP D 66 -4.72 14.07 7.48
N GLU D 67 -4.84 15.34 7.88
CA GLU D 67 -4.34 15.74 9.19
C GLU D 67 -5.18 15.18 10.33
N ASN D 68 -6.47 14.92 10.09
CA ASN D 68 -7.36 14.40 11.11
C ASN D 68 -7.48 12.88 11.09
N ALA D 69 -6.58 12.19 10.39
CA ALA D 69 -6.64 10.75 10.29
C ALA D 69 -6.32 10.09 11.62
N ILE D 70 -6.90 8.91 11.83
CA ILE D 70 -6.62 8.14 13.04
C ILE D 70 -5.30 7.39 12.90
N PHE D 71 -5.09 6.74 11.76
CA PHE D 71 -3.87 6.00 11.50
C PHE D 71 -3.33 6.44 10.14
N ARG D 72 -2.07 6.90 10.12
CA ARG D 72 -1.45 7.31 8.87
C ARG D 72 -0.91 6.12 8.10
N ASP D 73 -0.27 5.17 8.80
CA ASP D 73 0.31 4.01 8.16
C ASP D 73 -0.78 2.96 7.91
N SER D 74 -0.37 1.75 7.53
CA SER D 74 -1.31 0.67 7.27
C SER D 74 -1.76 0.03 8.57
N VAL D 75 -2.96 -0.55 8.54
CA VAL D 75 -3.54 -1.22 9.70
C VAL D 75 -3.42 -2.73 9.52
N ASP D 76 -3.37 -3.44 10.64
CA ASP D 76 -3.37 -4.89 10.63
C ASP D 76 -4.73 -5.50 10.89
N ASN D 77 -5.74 -4.68 11.23
CA ASN D 77 -7.08 -5.16 11.51
C ASN D 77 -8.10 -4.23 10.86
N VAL D 78 -9.23 -4.81 10.47
CA VAL D 78 -10.35 -4.06 9.89
C VAL D 78 -11.65 -4.68 10.37
N VAL D 79 -12.54 -3.86 10.93
CA VAL D 79 -13.85 -4.30 11.39
C VAL D 79 -14.89 -3.93 10.34
N LEU D 80 -15.73 -4.90 9.97
CA LEU D 80 -16.69 -4.73 8.90
C LEU D 80 -18.10 -4.96 9.42
N VAL D 81 -19.01 -4.04 9.10
CA VAL D 81 -20.43 -4.18 9.39
C VAL D 81 -21.21 -3.94 8.10
N GLY D 82 -22.45 -4.41 8.09
CA GLY D 82 -23.26 -4.37 6.88
C GLY D 82 -24.08 -3.10 6.74
N GLY D 83 -24.35 -2.76 5.48
CA GLY D 83 -25.28 -1.67 5.21
C GLY D 83 -26.70 -2.08 5.58
N ASN D 84 -27.46 -1.13 6.11
CA ASN D 84 -28.79 -1.37 6.67
C ASN D 84 -28.75 -2.44 7.76
N ALA D 85 -27.63 -2.49 8.48
CA ALA D 85 -27.41 -3.44 9.57
C ALA D 85 -26.98 -2.70 10.83
N ILE D 86 -27.71 -1.64 11.15
CA ILE D 86 -27.41 -0.88 12.37
C ILE D 86 -27.56 -1.77 13.59
N VAL D 87 -28.48 -2.73 13.55
CA VAL D 87 -28.76 -3.58 14.71
C VAL D 87 -27.56 -4.48 15.01
N ASP D 88 -27.04 -5.16 13.98
CA ASP D 88 -26.02 -6.18 14.20
C ASP D 88 -24.71 -5.57 14.68
N GLY D 89 -24.27 -4.49 14.03
CA GLY D 89 -23.00 -3.87 14.38
C GLY D 89 -23.15 -2.72 15.35
N LEU D 90 -24.28 -2.69 16.07
CA LEU D 90 -24.59 -1.57 16.95
C LEU D 90 -23.47 -1.29 17.95
N VAL D 91 -22.81 -2.34 18.44
CA VAL D 91 -21.80 -2.20 19.48
C VAL D 91 -20.40 -2.54 18.94
N ALA D 92 -20.20 -2.45 17.63
CA ALA D 92 -18.93 -2.83 17.02
C ALA D 92 -17.86 -1.76 17.19
N SER D 93 -18.23 -0.53 17.49
CA SER D 93 -17.24 0.55 17.59
C SER D 93 -16.17 0.31 18.64
N PRO D 94 -16.49 -0.14 19.87
CA PRO D 94 -15.40 -0.44 20.82
C PRO D 94 -14.43 -1.49 20.33
N LEU D 95 -14.89 -2.44 19.51
CA LEU D 95 -14.00 -3.46 18.99
C LEU D 95 -13.02 -2.88 17.97
N ALA D 96 -13.52 -2.04 17.06
CA ALA D 96 -12.66 -1.46 16.04
C ALA D 96 -11.55 -0.61 16.62
N SER D 97 -11.83 0.09 17.73
CA SER D 97 -10.82 0.95 18.32
C SER D 97 -9.75 0.15 19.06
N GLU D 98 -10.14 -0.89 19.80
CA GLU D 98 -9.16 -1.70 20.52
C GLU D 98 -8.34 -2.54 19.57
N LYS D 99 -8.92 -2.98 18.46
CA LYS D 99 -8.19 -3.73 17.45
C LYS D 99 -7.43 -2.83 16.49
N LYS D 100 -7.47 -1.51 16.70
CA LYS D 100 -6.82 -0.52 15.84
C LYS D 100 -7.26 -0.70 14.40
N ALA D 101 -8.58 -0.64 14.20
CA ALA D 101 -9.20 -0.99 12.94
C ALA D 101 -10.22 0.06 12.53
N PRO D 102 -10.38 0.27 11.22
CA PRO D 102 -11.50 1.08 10.74
C PRO D 102 -12.78 0.28 10.65
N LEU D 103 -13.91 0.99 10.73
CA LEU D 103 -15.23 0.40 10.62
C LEU D 103 -15.81 0.77 9.26
N LEU D 104 -16.10 -0.23 8.44
CA LEU D 104 -16.54 -0.03 7.07
C LEU D 104 -17.91 -0.65 6.85
N LEU D 105 -18.69 -0.03 5.96
CA LEU D 105 -20.00 -0.53 5.57
C LEU D 105 -19.89 -1.25 4.23
N THR D 106 -20.68 -2.30 4.07
CA THR D 106 -20.71 -3.07 2.84
C THR D 106 -22.11 -3.61 2.61
N SER D 107 -22.42 -3.88 1.35
CA SER D 107 -23.69 -4.50 1.02
C SER D 107 -23.74 -5.93 1.56
N LYS D 108 -24.95 -6.40 1.82
CA LYS D 108 -25.12 -7.73 2.41
C LYS D 108 -24.57 -8.81 1.51
N ASP D 109 -25.01 -8.86 0.25
CA ASP D 109 -24.68 -9.97 -0.63
C ASP D 109 -23.25 -9.88 -1.14
N LYS D 110 -22.94 -8.83 -1.90
CA LYS D 110 -21.66 -8.70 -2.58
C LYS D 110 -20.83 -7.62 -1.92
N LEU D 111 -19.55 -7.92 -1.67
CA LEU D 111 -18.62 -6.92 -1.18
C LEU D 111 -18.38 -5.88 -2.26
N ASP D 112 -18.75 -4.63 -1.99
CA ASP D 112 -18.61 -3.58 -2.97
C ASP D 112 -17.16 -3.41 -3.38
N SER D 113 -16.93 -3.24 -4.68
CA SER D 113 -15.56 -3.10 -5.19
C SER D 113 -14.89 -1.85 -4.62
N SER D 114 -15.66 -0.80 -4.33
CA SER D 114 -15.10 0.37 -3.67
C SER D 114 -14.64 0.03 -2.25
N VAL D 115 -15.42 -0.77 -1.52
CA VAL D 115 -14.99 -1.22 -0.20
C VAL D 115 -13.82 -2.19 -0.32
N LYS D 116 -13.87 -3.09 -1.31
CA LYS D 116 -12.74 -3.99 -1.55
C LYS D 116 -11.48 -3.21 -1.88
N ALA D 117 -11.61 -2.17 -2.71
CA ALA D 117 -10.49 -1.28 -2.95
C ALA D 117 -10.05 -0.57 -1.67
N GLU D 118 -11.02 -0.20 -0.83
CA GLU D 118 -10.68 0.50 0.41
C GLU D 118 -9.91 -0.41 1.36
N ILE D 119 -10.32 -1.68 1.48
CA ILE D 119 -9.61 -2.60 2.35
C ILE D 119 -8.19 -2.84 1.84
N LYS D 120 -8.00 -2.82 0.52
CA LYS D 120 -6.66 -3.04 -0.03
C LYS D 120 -5.70 -1.95 0.40
N ARG D 121 -6.16 -0.69 0.45
CA ARG D 121 -5.25 0.42 0.70
C ARG D 121 -4.99 0.62 2.19
N VAL D 122 -5.99 0.42 3.05
CA VAL D 122 -5.77 0.68 4.48
C VAL D 122 -4.80 -0.35 5.06
N MET D 123 -4.80 -1.56 4.53
CA MET D 123 -3.90 -2.60 5.02
C MET D 123 -2.61 -2.69 4.21
N ASN D 124 -2.47 -1.89 3.15
CA ASN D 124 -1.29 -1.93 2.27
C ASN D 124 -1.04 -3.32 1.73
N ILE D 125 -2.10 -3.94 1.20
CA ILE D 125 -2.01 -5.27 0.63
C ILE D 125 -1.20 -5.19 -0.67
N LYS D 126 0.03 -5.70 -0.64
CA LYS D 126 0.85 -5.70 -1.85
C LYS D 126 0.29 -6.62 -2.92
N SER D 127 -0.30 -7.75 -2.52
CA SER D 127 -0.90 -8.68 -3.46
C SER D 127 -2.02 -9.44 -2.76
N THR D 128 -3.19 -9.46 -3.40
CA THR D 128 -4.33 -10.24 -2.90
C THR D 128 -4.24 -11.71 -3.28
N THR D 129 -3.12 -12.15 -3.85
CA THR D 129 -2.90 -13.55 -4.20
C THR D 129 -1.78 -14.17 -3.38
N GLY D 130 -1.23 -13.46 -2.40
CA GLY D 130 -0.22 -13.97 -1.51
C GLY D 130 -0.79 -14.41 -0.17
N ILE D 131 0.08 -14.40 0.84
CA ILE D 131 -0.31 -14.77 2.20
C ILE D 131 -0.08 -13.55 3.09
N ASN D 132 -1.13 -13.11 3.77
CA ASN D 132 -1.11 -11.92 4.61
C ASN D 132 -1.64 -12.23 6.00
N THR D 133 -1.15 -13.32 6.61
CA THR D 133 -1.60 -13.71 7.93
C THR D 133 -1.20 -12.71 9.02
N SER D 134 -0.32 -11.76 8.70
CA SER D 134 -0.07 -10.66 9.62
C SER D 134 -1.28 -9.75 9.79
N LYS D 135 -2.29 -9.89 8.94
CA LYS D 135 -3.46 -9.02 8.95
C LYS D 135 -4.70 -9.82 9.34
N LYS D 136 -5.56 -9.19 10.15
CA LYS D 136 -6.82 -9.77 10.57
C LYS D 136 -7.97 -8.88 10.12
N VAL D 137 -9.15 -9.49 9.99
CA VAL D 137 -10.38 -8.76 9.73
C VAL D 137 -11.47 -9.34 10.61
N TYR D 138 -12.15 -8.47 11.37
CA TYR D 138 -13.22 -8.88 12.26
C TYR D 138 -14.57 -8.53 11.65
N LEU D 139 -15.45 -9.52 11.53
CA LEU D 139 -16.80 -9.32 11.04
C LEU D 139 -17.75 -9.21 12.23
N ALA D 140 -18.36 -8.04 12.39
CA ALA D 140 -19.29 -7.79 13.49
C ALA D 140 -20.70 -7.98 12.97
N GLY D 141 -21.27 -9.14 13.25
CA GLY D 141 -22.63 -9.46 12.84
C GLY D 141 -22.71 -10.85 12.24
N GLY D 142 -23.94 -11.37 12.18
CA GLY D 142 -24.19 -12.67 11.63
C GLY D 142 -24.21 -12.65 10.11
N VAL D 143 -24.56 -13.80 9.54
CA VAL D 143 -24.56 -13.94 8.08
C VAL D 143 -25.66 -13.11 7.43
N ASN D 144 -26.65 -12.65 8.18
CA ASN D 144 -27.65 -11.74 7.64
C ASN D 144 -27.19 -10.29 7.64
N SER D 145 -26.04 -9.99 8.23
CA SER D 145 -25.41 -8.69 8.10
C SER D 145 -24.23 -8.74 7.15
N ILE D 146 -23.26 -9.62 7.43
CA ILE D 146 -22.13 -9.88 6.55
C ILE D 146 -22.30 -11.28 6.00
N SER D 147 -22.53 -11.40 4.68
CA SER D 147 -22.69 -12.71 4.08
C SER D 147 -21.38 -13.48 4.09
N LYS D 148 -21.50 -14.80 3.94
CA LYS D 148 -20.31 -15.64 3.84
C LYS D 148 -19.49 -15.32 2.60
N GLU D 149 -20.15 -14.84 1.53
CA GLU D 149 -19.43 -14.44 0.32
C GLU D 149 -18.45 -13.31 0.62
N VAL D 150 -18.81 -12.41 1.53
CA VAL D 150 -17.87 -11.36 1.94
C VAL D 150 -16.68 -11.97 2.68
N GLU D 151 -16.96 -12.88 3.61
CA GLU D 151 -15.88 -13.48 4.40
C GLU D 151 -14.92 -14.27 3.53
N ASN D 152 -15.45 -15.03 2.56
CA ASN D 152 -14.58 -15.83 1.70
C ASN D 152 -13.69 -14.94 0.84
N GLU D 153 -14.24 -13.85 0.32
CA GLU D 153 -13.43 -12.94 -0.49
C GLU D 153 -12.32 -12.29 0.33
N LEU D 154 -12.58 -12.02 1.61
CA LEU D 154 -11.53 -11.47 2.47
C LEU D 154 -10.42 -12.49 2.69
N LYS D 155 -10.77 -13.77 2.86
CA LYS D 155 -9.76 -14.81 3.00
C LYS D 155 -9.00 -15.02 1.70
N ASP D 156 -9.66 -14.83 0.55
CA ASP D 156 -8.99 -15.01 -0.73
C ASP D 156 -7.82 -14.04 -0.89
N MET D 157 -7.92 -12.86 -0.28
CA MET D 157 -6.83 -11.90 -0.28
C MET D 157 -5.73 -12.24 0.73
N GLY D 158 -5.85 -13.38 1.41
CA GLY D 158 -4.81 -13.84 2.31
C GLY D 158 -4.89 -13.36 3.73
N LEU D 159 -6.04 -12.83 4.15
CA LEU D 159 -6.19 -12.25 5.48
C LEU D 159 -6.80 -13.25 6.46
N LYS D 160 -6.39 -13.15 7.71
CA LYS D 160 -7.13 -13.79 8.79
C LYS D 160 -8.48 -13.11 8.97
N VAL D 161 -9.52 -13.91 9.14
CA VAL D 161 -10.88 -13.39 9.32
C VAL D 161 -11.48 -14.06 10.55
N THR D 162 -11.84 -13.26 11.55
CA THR D 162 -12.52 -13.74 12.75
C THR D 162 -13.93 -13.15 12.78
N ARG D 163 -14.93 -14.01 12.84
CA ARG D 163 -16.32 -13.58 12.89
C ARG D 163 -16.81 -13.56 14.33
N LEU D 164 -17.51 -12.48 14.68
CA LEU D 164 -18.11 -12.32 16.00
C LEU D 164 -19.61 -12.20 15.81
N ALA D 165 -20.35 -13.26 16.15
CA ALA D 165 -21.79 -13.25 15.99
C ALA D 165 -22.41 -14.25 16.96
N GLY D 166 -23.63 -13.94 17.38
CA GLY D 166 -24.39 -14.84 18.24
C GLY D 166 -25.70 -15.24 17.61
N ASP D 167 -26.65 -15.72 18.42
CA ASP D 167 -27.95 -16.11 17.90
C ASP D 167 -28.86 -14.92 17.62
N ASP D 168 -28.63 -13.79 18.28
CA ASP D 168 -29.45 -12.60 18.07
C ASP D 168 -28.57 -11.36 18.27
N ARG D 169 -29.21 -10.19 18.30
CA ARG D 169 -28.46 -8.95 18.49
C ARG D 169 -27.86 -8.87 19.89
N TYR D 170 -28.47 -9.53 20.87
CA TYR D 170 -27.96 -9.50 22.24
C TYR D 170 -26.77 -10.42 22.40
N GLU D 171 -26.88 -11.66 21.89
CA GLU D 171 -25.77 -12.61 21.99
C GLU D 171 -24.57 -12.13 21.17
N THR D 172 -24.81 -11.53 20.01
CA THR D 172 -23.72 -10.97 19.23
C THR D 172 -23.02 -9.86 20.02
N SER D 173 -23.78 -9.02 20.70
CA SER D 173 -23.19 -7.93 21.48
C SER D 173 -22.25 -8.46 22.56
N LEU D 174 -22.66 -9.54 23.24
CA LEU D 174 -21.79 -10.12 24.26
C LEU D 174 -20.56 -10.78 23.63
N LYS D 175 -20.69 -11.29 22.39
CA LYS D 175 -19.53 -11.85 21.71
C LYS D 175 -18.50 -10.76 21.42
N ILE D 176 -18.94 -9.62 20.90
CA ILE D 176 -18.03 -8.49 20.70
C ILE D 176 -17.52 -7.98 22.04
N ALA D 177 -18.39 -7.94 23.05
CA ALA D 177 -17.98 -7.44 24.36
C ALA D 177 -16.89 -8.33 24.97
N ASP D 178 -17.05 -9.65 24.87
CA ASP D 178 -16.04 -10.55 25.41
C ASP D 178 -14.73 -10.43 24.64
N GLU D 179 -14.80 -10.22 23.32
CA GLU D 179 -13.60 -9.97 22.55
C GLU D 179 -12.94 -8.67 22.97
N VAL D 180 -13.74 -7.64 23.26
CA VAL D 180 -13.18 -6.40 23.81
C VAL D 180 -12.53 -6.66 25.16
N GLY D 181 -13.20 -7.42 26.02
CA GLY D 181 -12.65 -7.77 27.31
C GLY D 181 -13.10 -6.87 28.44
N LEU D 182 -13.51 -7.48 29.55
CA LEU D 182 -13.91 -6.72 30.74
C LEU D 182 -12.72 -6.64 31.70
N ASP D 183 -11.77 -5.80 31.32
CA ASP D 183 -10.51 -5.65 32.05
C ASP D 183 -10.50 -4.44 32.97
N ASN D 184 -11.64 -3.75 33.12
CA ASN D 184 -11.69 -2.57 33.98
C ASN D 184 -12.93 -2.52 34.85
N ASP D 185 -13.68 -3.61 34.97
CA ASP D 185 -14.85 -3.68 35.84
C ASP D 185 -15.89 -2.61 35.52
N LYS D 186 -16.13 -2.39 34.23
CA LYS D 186 -17.12 -1.42 33.79
C LYS D 186 -17.77 -1.92 32.49
N ALA D 187 -19.02 -1.52 32.29
CA ALA D 187 -19.76 -1.96 31.10
C ALA D 187 -20.91 -1.00 30.84
N PHE D 188 -21.36 -0.97 29.59
CA PHE D 188 -22.51 -0.18 29.16
C PHE D 188 -23.64 -1.11 28.73
N VAL D 189 -24.88 -0.71 29.03
CA VAL D 189 -26.05 -1.50 28.71
C VAL D 189 -27.07 -0.61 28.02
N VAL D 190 -27.60 -1.07 26.88
CA VAL D 190 -28.64 -0.35 26.15
C VAL D 190 -29.74 -1.34 25.78
N GLY D 191 -30.93 -0.81 25.52
CA GLY D 191 -32.05 -1.64 25.12
C GLY D 191 -31.98 -2.06 23.67
N GLY D 192 -32.77 -3.08 23.34
CA GLY D 192 -32.81 -3.56 21.97
C GLY D 192 -33.35 -2.51 21.00
N THR D 193 -34.33 -1.73 21.43
CA THR D 193 -34.90 -0.68 20.60
C THR D 193 -34.16 0.65 20.72
N GLY D 194 -33.20 0.74 21.63
CA GLY D 194 -32.43 1.96 21.79
C GLY D 194 -31.29 2.08 20.80
N LEU D 195 -31.61 2.04 19.51
CA LEU D 195 -30.57 2.15 18.48
C LEU D 195 -29.87 3.48 18.54
N ALA D 196 -30.63 4.57 18.74
CA ALA D 196 -30.01 5.89 18.80
C ALA D 196 -29.30 6.13 20.12
N ASP D 197 -29.73 5.44 21.19
CA ASP D 197 -29.04 5.57 22.48
C ASP D 197 -27.68 4.90 22.44
N ALA D 198 -27.58 3.75 21.76
CA ALA D 198 -26.27 3.15 21.55
C ALA D 198 -25.41 3.99 20.63
N MET D 199 -26.03 4.66 19.65
CA MET D 199 -25.28 5.56 18.78
C MET D 199 -24.76 6.78 19.55
N SER D 200 -25.45 7.18 20.61
CA SER D 200 -24.94 8.25 21.46
C SER D 200 -23.78 7.77 22.32
N ILE D 201 -23.85 6.53 22.82
CA ILE D 201 -22.82 6.01 23.70
C ILE D 201 -21.68 5.33 22.94
N ALA D 202 -21.86 5.02 21.66
CA ALA D 202 -20.80 4.39 20.88
C ALA D 202 -19.48 5.16 20.90
N PRO D 203 -19.45 6.49 20.74
CA PRO D 203 -18.16 7.19 20.85
C PRO D 203 -17.55 7.13 22.24
N VAL D 204 -18.34 6.84 23.27
CA VAL D 204 -17.81 6.81 24.64
C VAL D 204 -17.21 5.45 24.98
N ALA D 205 -17.85 4.37 24.54
CA ALA D 205 -17.33 3.05 24.86
C ALA D 205 -16.11 2.70 24.01
N SER D 206 -15.98 3.29 22.83
CA SER D 206 -14.86 2.97 21.95
C SER D 206 -13.55 3.58 22.42
N GLN D 207 -13.59 4.49 23.39
CA GLN D 207 -12.35 5.06 23.91
C GLN D 207 -11.58 4.04 24.72
N LEU D 208 -10.25 4.06 24.58
CA LEU D 208 -9.37 3.12 25.27
C LEU D 208 -8.93 3.73 26.59
N ARG D 209 -9.28 3.08 27.70
CA ARG D 209 -9.03 3.60 29.03
C ARG D 209 -8.21 2.61 29.85
N ASN D 210 -7.55 3.14 30.89
CA ASN D 210 -6.84 2.32 31.86
C ASN D 210 -7.77 2.00 33.04
N ALA D 211 -7.18 1.50 34.13
CA ALA D 211 -7.97 1.19 35.32
C ALA D 211 -8.60 2.44 35.93
N ASN D 212 -7.88 3.56 35.92
CA ASN D 212 -8.37 4.80 36.51
C ASN D 212 -9.32 5.57 35.60
N GLY D 213 -9.72 4.99 34.47
CA GLY D 213 -10.59 5.67 33.54
C GLY D 213 -9.91 6.66 32.63
N LYS D 214 -8.59 6.77 32.69
CA LYS D 214 -7.84 7.69 31.86
C LYS D 214 -7.42 7.01 30.56
N MET D 215 -7.17 7.83 29.54
CA MET D 215 -6.85 7.31 28.22
C MET D 215 -5.54 6.54 28.23
N ASP D 216 -5.52 5.44 27.48
CA ASP D 216 -4.30 4.64 27.29
C ASP D 216 -4.43 3.99 25.91
N LEU D 217 -3.75 4.56 24.92
CA LEU D 217 -3.84 4.05 23.57
C LEU D 217 -2.92 2.87 23.30
N ALA D 218 -2.00 2.55 24.21
CA ALA D 218 -1.10 1.41 24.04
C ALA D 218 -1.53 0.20 24.88
N ASP D 219 -1.58 0.37 26.20
CA ASP D 219 -1.92 -0.72 27.11
C ASP D 219 -3.36 -0.66 27.61
N GLY D 220 -4.16 0.28 27.12
CA GLY D 220 -5.50 0.43 27.60
C GLY D 220 -6.51 -0.45 26.88
N ASP D 221 -7.65 -0.63 27.52
CA ASP D 221 -8.73 -1.45 26.99
C ASP D 221 -9.99 -0.59 26.86
N ALA D 222 -10.83 -0.96 25.89
CA ALA D 222 -12.08 -0.26 25.66
C ALA D 222 -13.18 -0.82 26.57
N THR D 223 -14.19 0.01 26.81
CA THR D 223 -15.34 -0.41 27.60
C THR D 223 -16.38 -1.05 26.69
N PRO D 224 -16.83 -2.27 26.98
CA PRO D 224 -17.80 -2.92 26.11
C PRO D 224 -19.21 -2.40 26.32
N ILE D 225 -20.05 -2.61 25.30
CA ILE D 225 -21.48 -2.35 25.36
C ILE D 225 -22.20 -3.68 25.25
N VAL D 226 -23.14 -3.92 26.18
CA VAL D 226 -23.93 -5.14 26.18
C VAL D 226 -25.38 -4.74 25.91
N VAL D 227 -25.91 -5.19 24.79
CA VAL D 227 -27.31 -4.92 24.44
C VAL D 227 -28.17 -5.98 25.12
N VAL D 228 -29.13 -5.54 25.94
CA VAL D 228 -30.03 -6.43 26.65
C VAL D 228 -31.46 -6.14 26.19
N ASP D 229 -32.37 -7.04 26.56
CA ASP D 229 -33.76 -6.87 26.21
C ASP D 229 -34.32 -5.58 26.78
N GLY D 230 -33.99 -5.27 28.03
CA GLY D 230 -34.42 -4.04 28.65
C GLY D 230 -35.84 -4.10 29.17
N LYS D 231 -36.74 -4.69 28.40
CA LYS D 231 -38.12 -4.89 28.84
C LYS D 231 -38.29 -6.29 29.43
N ALA D 232 -37.51 -6.54 30.48
CA ALA D 232 -37.50 -7.84 31.15
C ALA D 232 -37.41 -7.59 32.66
N LYS D 233 -37.11 -8.64 33.41
CA LYS D 233 -37.03 -8.53 34.86
C LYS D 233 -35.68 -8.94 35.43
N THR D 234 -35.03 -9.93 34.86
CA THR D 234 -33.73 -10.39 35.31
C THR D 234 -32.73 -10.33 34.15
N ILE D 235 -31.46 -10.54 34.48
CA ILE D 235 -30.39 -10.56 33.49
C ILE D 235 -29.85 -11.99 33.39
N ASN D 236 -29.36 -12.35 32.22
CA ASN D 236 -28.91 -13.71 31.95
C ASN D 236 -27.68 -14.04 32.78
N ASP D 237 -27.53 -15.34 33.06
CA ASP D 237 -26.34 -15.80 33.78
C ASP D 237 -25.07 -15.62 32.95
N ASP D 238 -25.20 -15.61 31.62
CA ASP D 238 -24.06 -15.29 30.77
C ASP D 238 -23.57 -13.87 31.03
N VAL D 239 -24.50 -12.92 31.18
CA VAL D 239 -24.11 -11.56 31.52
C VAL D 239 -23.49 -11.51 32.91
N LYS D 240 -24.10 -12.21 33.86
CA LYS D 240 -23.58 -12.21 35.23
C LYS D 240 -22.15 -12.74 35.29
N ASP D 241 -21.88 -13.82 34.55
CA ASP D 241 -20.52 -14.35 34.51
C ASP D 241 -19.57 -13.39 33.82
N PHE D 242 -20.08 -12.53 32.92
CA PHE D 242 -19.24 -11.55 32.26
C PHE D 242 -18.94 -10.36 33.17
N LEU D 243 -19.98 -9.75 33.74
CA LEU D 243 -19.78 -8.60 34.61
C LEU D 243 -19.06 -9.00 35.90
N ASP D 244 -19.56 -10.04 36.57
CA ASP D 244 -19.07 -10.43 37.89
C ASP D 244 -19.17 -9.27 38.87
N ASP D 245 -18.04 -8.63 39.18
CA ASP D 245 -17.97 -7.53 40.14
C ASP D 245 -17.81 -6.19 39.45
N SER D 246 -18.48 -5.97 38.33
CA SER D 246 -18.28 -4.78 37.51
C SER D 246 -19.45 -3.81 37.64
N GLN D 247 -19.18 -2.56 37.29
CA GLN D 247 -20.19 -1.51 37.23
C GLN D 247 -20.88 -1.51 35.87
N VAL D 248 -22.09 -0.98 35.84
CA VAL D 248 -22.90 -0.94 34.62
C VAL D 248 -23.56 0.42 34.50
N ASP D 249 -23.50 1.00 33.30
CA ASP D 249 -24.21 2.23 32.97
C ASP D 249 -25.27 1.92 31.92
N ILE D 250 -26.50 2.37 32.16
CA ILE D 250 -27.64 2.09 31.29
C ILE D 250 -27.96 3.35 30.50
N ILE D 251 -28.05 3.21 29.18
CA ILE D 251 -28.41 4.31 28.29
C ILE D 251 -29.78 4.02 27.71
N GLY D 252 -30.71 4.95 27.88
CA GLY D 252 -32.06 4.82 27.40
C GLY D 252 -33.08 4.97 28.51
N GLY D 253 -34.35 5.05 28.08
CA GLY D 253 -35.45 5.26 28.99
C GLY D 253 -36.09 3.96 29.45
N GLU D 254 -37.15 4.11 30.25
CA GLU D 254 -37.89 2.95 30.74
C GLU D 254 -38.69 2.27 29.64
N ASN D 255 -38.81 2.87 28.46
CA ASN D 255 -39.38 2.22 27.30
C ASN D 255 -38.32 1.53 26.45
N SER D 256 -37.07 1.51 26.91
CA SER D 256 -36.01 0.73 26.31
C SER D 256 -35.33 -0.22 27.29
N VAL D 257 -35.11 0.23 28.53
CA VAL D 257 -34.60 -0.61 29.60
C VAL D 257 -35.43 -0.34 30.85
N SER D 258 -35.99 -1.38 31.45
CA SER D 258 -36.90 -1.23 32.56
C SER D 258 -36.16 -1.20 33.90
N LYS D 259 -36.86 -0.72 34.93
CA LYS D 259 -36.29 -0.64 36.26
C LYS D 259 -36.02 -2.02 36.84
N ASP D 260 -36.78 -3.04 36.42
CA ASP D 260 -36.55 -4.39 36.91
C ASP D 260 -35.18 -4.92 36.47
N VAL D 261 -34.80 -4.66 35.20
CA VAL D 261 -33.49 -5.06 34.73
C VAL D 261 -32.39 -4.29 35.47
N GLU D 262 -32.66 -3.04 35.84
CA GLU D 262 -31.68 -2.25 36.59
C GLU D 262 -31.37 -2.90 37.93
N ASN D 263 -32.40 -3.36 38.65
CA ASN D 263 -32.19 -4.00 39.93
C ASN D 263 -31.60 -5.40 39.79
N ALA D 264 -31.78 -6.04 38.63
CA ALA D 264 -31.16 -7.36 38.42
C ALA D 264 -29.65 -7.25 38.39
N ILE D 265 -29.11 -6.23 37.73
CA ILE D 265 -27.67 -6.00 37.74
C ILE D 265 -27.17 -5.62 39.12
N ASP D 266 -28.04 -5.07 39.97
CA ASP D 266 -27.64 -4.71 41.33
C ASP D 266 -27.29 -5.95 42.14
N ASP D 267 -28.15 -6.97 42.11
CA ASP D 267 -27.89 -8.18 42.86
C ASP D 267 -26.77 -8.99 42.23
N ALA D 268 -26.69 -9.01 40.90
CA ALA D 268 -25.69 -9.82 40.21
C ALA D 268 -24.27 -9.30 40.46
N THR D 269 -24.09 -7.98 40.43
CA THR D 269 -22.76 -7.38 40.53
C THR D 269 -22.44 -6.86 41.93
N GLY D 270 -23.44 -6.62 42.76
CA GLY D 270 -23.22 -5.96 44.03
C GLY D 270 -23.10 -4.45 43.95
N LYS D 271 -23.31 -3.87 42.77
CA LYS D 271 -23.23 -2.43 42.58
C LYS D 271 -24.51 -1.94 41.94
N SER D 272 -24.86 -0.68 42.20
CA SER D 272 -26.07 -0.09 41.67
C SER D 272 -25.79 0.61 40.35
N PRO D 273 -26.47 0.25 39.26
CA PRO D 273 -26.17 0.87 37.96
C PRO D 273 -26.74 2.28 37.86
N ASP D 274 -26.24 3.00 36.85
CA ASP D 274 -26.68 4.35 36.53
C ASP D 274 -27.43 4.37 35.21
N ARG D 275 -28.31 5.36 35.05
CA ARG D 275 -29.19 5.45 33.90
C ARG D 275 -29.22 6.86 33.33
N TYR D 276 -29.36 6.95 32.02
CA TYR D 276 -29.40 8.23 31.31
C TYR D 276 -30.50 8.19 30.27
N SER D 277 -31.51 9.05 30.43
CA SER D 277 -32.70 9.00 29.59
C SER D 277 -33.17 10.42 29.25
N GLY D 278 -34.07 10.48 28.28
CA GLY D 278 -34.68 11.73 27.85
C GLY D 278 -36.06 11.47 27.30
N ASP D 279 -36.75 12.56 26.95
CA ASP D 279 -38.13 12.47 26.49
C ASP D 279 -38.23 11.98 25.06
N ASP D 280 -37.23 12.26 24.22
CA ASP D 280 -37.26 11.83 22.83
C ASP D 280 -35.85 11.41 22.44
N ARG D 281 -35.67 11.19 21.13
CA ARG D 281 -34.36 10.80 20.62
C ARG D 281 -33.34 11.91 20.85
N GLN D 282 -33.75 13.16 20.64
CA GLN D 282 -32.86 14.31 20.72
C GLN D 282 -32.64 14.78 22.15
N ALA D 283 -33.38 14.25 23.12
CA ALA D 283 -33.13 14.55 24.53
C ALA D 283 -32.25 13.50 25.19
N THR D 284 -32.46 12.22 24.86
CA THR D 284 -31.52 11.20 25.34
C THR D 284 -30.13 11.42 24.77
N ASN D 285 -30.05 11.78 23.49
CA ASN D 285 -28.78 12.20 22.91
C ASN D 285 -28.22 13.41 23.65
N ALA D 286 -29.09 14.32 24.08
CA ALA D 286 -28.65 15.48 24.83
C ALA D 286 -28.01 15.08 26.15
N LYS D 287 -28.60 14.11 26.85
CA LYS D 287 -28.10 13.72 28.17
C LYS D 287 -26.75 13.02 28.07
N VAL D 288 -26.55 12.19 27.06
CA VAL D 288 -25.27 11.48 26.90
C VAL D 288 -24.14 12.48 26.72
N ILE D 289 -24.40 13.57 26.00
CA ILE D 289 -23.35 14.53 25.68
C ILE D 289 -22.84 15.24 26.94
N LYS D 290 -23.75 15.61 27.85
CA LYS D 290 -23.36 16.43 29.00
C LYS D 290 -22.76 15.63 30.15
N GLU D 291 -22.69 14.31 30.06
CA GLU D 291 -22.16 13.52 31.16
C GLU D 291 -20.68 13.85 31.38
N SER D 292 -20.31 13.99 32.66
CA SER D 292 -18.93 14.34 32.99
C SER D 292 -17.95 13.23 32.67
N SER D 293 -18.41 11.98 32.55
CA SER D 293 -17.54 10.87 32.17
C SER D 293 -17.64 10.53 30.68
N TYR D 294 -18.62 11.09 29.96
CA TYR D 294 -18.76 10.87 28.53
C TYR D 294 -18.21 12.10 27.82
N TYR D 295 -17.14 11.91 27.06
CA TYR D 295 -16.42 12.95 26.31
C TYR D 295 -15.70 13.92 27.24
N GLN D 296 -15.82 13.76 28.56
CA GLN D 296 -15.11 14.57 29.53
C GLN D 296 -14.56 13.65 30.63
N ASP D 297 -13.55 14.14 31.34
CA ASP D 297 -12.91 13.47 32.47
C ASP D 297 -12.10 12.27 32.00
N ASN D 298 -12.27 11.88 30.74
CA ASN D 298 -11.46 10.84 30.14
C ASN D 298 -10.22 11.43 29.48
N LEU D 299 -10.33 12.66 29.01
CA LEU D 299 -9.22 13.36 28.40
C LEU D 299 -8.08 13.53 29.40
N ASN D 300 -6.87 13.19 28.97
CA ASN D 300 -5.68 13.52 29.74
C ASN D 300 -5.18 14.93 29.45
N ASN D 301 -5.89 15.67 28.60
CA ASN D 301 -5.57 17.06 28.32
C ASN D 301 -6.33 17.96 29.31
N ASP D 302 -6.31 19.27 29.06
CA ASP D 302 -6.97 20.24 29.91
C ASP D 302 -8.03 21.02 29.13
N LYS D 303 -8.71 20.34 28.21
CA LYS D 303 -9.73 20.96 27.38
C LYS D 303 -11.03 20.17 27.49
N LYS D 304 -12.04 20.66 26.78
CA LYS D 304 -13.38 20.08 26.77
C LYS D 304 -13.71 19.61 25.34
N VAL D 305 -14.98 19.30 25.12
CA VAL D 305 -15.43 18.81 23.82
C VAL D 305 -15.19 19.87 22.76
N VAL D 306 -14.30 19.57 21.82
CA VAL D 306 -13.97 20.49 20.74
C VAL D 306 -14.41 19.97 19.37
N ASN D 307 -14.34 18.66 19.14
CA ASN D 307 -14.72 18.08 17.86
C ASN D 307 -16.16 17.57 17.96
N PHE D 308 -16.93 17.83 16.91
CA PHE D 308 -18.34 17.47 16.89
C PHE D 308 -18.68 16.75 15.60
N PHE D 309 -19.54 15.74 15.71
CA PHE D 309 -20.07 15.02 14.56
C PHE D 309 -21.58 15.17 14.54
N VAL D 310 -22.15 15.26 13.33
CA VAL D 310 -23.59 15.35 13.15
C VAL D 310 -23.99 14.41 12.02
N ALA D 311 -25.00 13.58 12.29
CA ALA D 311 -25.58 12.71 11.27
C ALA D 311 -27.08 12.77 11.43
N LYS D 312 -27.79 11.89 10.73
CA LYS D 312 -29.23 11.85 10.83
C LYS D 312 -29.65 11.28 12.18
N ASP D 313 -30.91 11.50 12.53
CA ASP D 313 -31.44 11.01 13.80
C ASP D 313 -32.35 9.80 13.65
N GLY D 314 -33.10 9.69 12.55
CA GLY D 314 -34.05 8.61 12.39
C GLY D 314 -35.47 9.06 12.17
N SER D 315 -35.75 10.36 12.13
CA SER D 315 -37.11 10.81 11.85
C SER D 315 -37.54 10.42 10.45
N THR D 316 -36.68 10.68 9.46
CA THR D 316 -37.01 10.31 8.09
C THR D 316 -36.85 8.82 7.86
N LYS D 317 -35.80 8.22 8.42
CA LYS D 317 -35.57 6.79 8.29
C LYS D 317 -34.59 6.36 9.37
N GLU D 318 -34.82 5.16 9.92
CA GLU D 318 -33.99 4.66 11.02
C GLU D 318 -32.70 4.01 10.56
N ASP D 319 -32.55 3.72 9.27
CA ASP D 319 -31.31 3.12 8.78
C ASP D 319 -30.22 4.15 8.52
N GLN D 320 -30.50 5.43 8.77
CA GLN D 320 -29.56 6.50 8.52
C GLN D 320 -28.68 6.83 9.72
N LEU D 321 -28.82 6.08 10.82
CA LEU D 321 -27.91 6.19 11.94
C LEU D 321 -26.62 5.40 11.75
N VAL D 322 -26.54 4.58 10.70
CA VAL D 322 -25.32 3.82 10.42
C VAL D 322 -24.16 4.75 10.13
N ASP D 323 -24.43 6.00 9.75
CA ASP D 323 -23.37 6.99 9.61
C ASP D 323 -22.70 7.27 10.96
N ALA D 324 -23.49 7.39 12.02
CA ALA D 324 -22.93 7.56 13.35
C ALA D 324 -22.19 6.31 13.81
N LEU D 325 -22.61 5.14 13.34
CA LEU D 325 -21.92 3.91 13.69
C LEU D 325 -20.51 3.87 13.12
N ALA D 326 -20.36 4.26 11.85
CA ALA D 326 -19.04 4.20 11.22
C ALA D 326 -18.14 5.30 11.72
N ALA D 327 -18.70 6.44 12.14
CA ALA D 327 -17.88 7.54 12.64
C ALA D 327 -17.50 7.38 14.10
N ALA D 328 -18.19 6.52 14.84
CA ALA D 328 -17.92 6.37 16.27
C ALA D 328 -16.49 5.94 16.57
N PRO D 329 -15.91 4.93 15.91
CA PRO D 329 -14.49 4.64 16.16
C PRO D 329 -13.57 5.79 15.79
N VAL D 330 -13.89 6.54 14.74
CA VAL D 330 -13.12 7.73 14.40
C VAL D 330 -13.32 8.81 15.45
N ALA D 331 -14.57 8.98 15.91
CA ALA D 331 -14.85 10.01 16.91
C ALA D 331 -14.13 9.71 18.22
N ALA D 332 -14.07 8.44 18.62
CA ALA D 332 -13.44 8.08 19.88
C ALA D 332 -11.92 8.20 19.83
N ASN D 333 -11.32 8.19 18.64
CA ASN D 333 -9.88 8.32 18.49
C ASN D 333 -9.49 9.64 17.84
N PHE D 334 -10.42 10.58 17.72
CA PHE D 334 -10.13 11.86 17.09
C PHE D 334 -9.10 12.65 17.89
N GLY D 335 -8.25 13.37 17.17
CA GLY D 335 -7.26 14.25 17.78
C GLY D 335 -5.82 13.78 17.67
N VAL D 336 -5.59 12.52 17.33
CA VAL D 336 -4.23 11.98 17.24
C VAL D 336 -4.14 11.07 16.02
N THR D 337 -2.95 11.04 15.41
CA THR D 337 -2.63 10.17 14.29
C THR D 337 -1.42 9.34 14.64
N LEU D 338 -1.55 8.03 14.57
CA LEU D 338 -0.49 7.10 14.94
C LEU D 338 0.06 6.40 13.71
N ASN D 339 1.33 6.00 13.81
CA ASN D 339 2.01 5.25 12.76
C ASN D 339 1.94 3.75 13.07
N SER D 340 2.69 2.96 12.31
CA SER D 340 2.72 1.51 12.52
C SER D 340 3.42 1.13 13.81
N ASP D 341 4.23 2.03 14.38
CA ASP D 341 4.93 1.76 15.64
C ASP D 341 4.15 2.25 16.86
N GLY D 342 2.92 2.73 16.66
CA GLY D 342 2.14 3.22 17.77
C GLY D 342 2.56 4.57 18.31
N LYS D 343 3.28 5.35 17.52
CA LYS D 343 3.74 6.67 17.92
C LYS D 343 2.96 7.76 17.21
N PRO D 344 2.69 8.89 17.87
CA PRO D 344 1.95 9.97 17.22
C PRO D 344 2.81 10.67 16.17
N VAL D 345 2.17 11.02 15.05
CA VAL D 345 2.84 11.65 13.93
C VAL D 345 2.09 12.92 13.54
N ASP D 346 2.78 13.79 12.81
CA ASP D 346 2.21 15.05 12.34
C ASP D 346 1.59 14.85 10.96
N LYS D 347 1.28 15.96 10.28
CA LYS D 347 0.73 15.88 8.93
C LYS D 347 1.70 15.23 7.96
N ASP D 348 3.00 15.45 8.15
CA ASP D 348 4.01 14.87 7.26
C ASP D 348 4.37 13.43 7.62
N GLY D 349 3.96 12.95 8.79
CA GLY D 349 4.23 11.59 9.20
C GLY D 349 5.46 11.39 10.06
N LYS D 350 6.06 12.46 10.57
CA LYS D 350 7.23 12.34 11.44
C LYS D 350 6.80 12.23 12.89
N VAL D 351 7.55 11.43 13.65
CA VAL D 351 7.17 11.12 15.03
C VAL D 351 7.33 12.34 15.91
N LEU D 352 6.33 12.59 16.75
CA LEU D 352 6.40 13.67 17.73
C LEU D 352 7.14 13.21 18.97
N THR D 353 8.00 14.07 19.50
CA THR D 353 8.82 13.76 20.66
C THR D 353 8.46 14.69 21.81
N GLY D 354 8.65 14.22 23.03
CA GLY D 354 8.38 14.98 24.21
C GLY D 354 7.18 14.44 24.97
N SER D 355 7.22 14.57 26.30
CA SER D 355 6.11 14.11 27.13
C SER D 355 4.83 14.90 26.87
N ASP D 356 4.95 16.13 26.37
CA ASP D 356 3.75 16.91 26.04
C ASP D 356 3.00 16.30 24.87
N ASN D 357 3.70 15.59 23.98
CA ASN D 357 3.10 14.98 22.80
C ASN D 357 2.73 13.52 23.03
N ASP D 358 2.44 13.14 24.28
CA ASP D 358 1.97 11.80 24.56
C ASP D 358 0.64 11.55 23.86
N LYS D 359 0.54 10.41 23.18
CA LYS D 359 -0.68 10.11 22.42
C LYS D 359 -1.90 9.99 23.34
N ASN D 360 -1.69 9.61 24.60
CA ASN D 360 -2.79 9.57 25.55
C ASN D 360 -3.31 10.96 25.87
N LYS D 361 -2.46 11.98 25.75
CA LYS D 361 -2.88 13.36 25.99
C LYS D 361 -3.36 14.06 24.73
N LEU D 362 -2.78 13.71 23.57
CA LEU D 362 -3.13 14.40 22.33
C LEU D 362 -4.48 13.98 21.78
N VAL D 363 -5.09 12.92 22.33
CA VAL D 363 -6.37 12.45 21.84
C VAL D 363 -7.49 13.24 22.50
N SER D 364 -8.55 13.52 21.72
CA SER D 364 -9.70 14.27 22.22
C SER D 364 -10.94 13.75 21.50
N PRO D 365 -11.58 12.71 22.05
CA PRO D 365 -12.74 12.12 21.36
C PRO D 365 -13.87 13.11 21.15
N ALA D 366 -14.79 12.74 20.26
CA ALA D 366 -15.86 13.60 19.80
C ALA D 366 -17.21 12.92 19.96
N PRO D 367 -18.25 13.69 20.27
CA PRO D 367 -19.62 13.13 20.29
C PRO D 367 -20.26 13.15 18.92
N ILE D 368 -21.48 12.60 18.83
CA ILE D 368 -22.27 12.62 17.60
C ILE D 368 -23.62 13.25 17.92
N VAL D 369 -24.02 14.24 17.12
CA VAL D 369 -25.29 14.93 17.28
C VAL D 369 -26.26 14.37 16.26
N LEU D 370 -27.46 14.02 16.72
CA LEU D 370 -28.48 13.40 15.87
C LEU D 370 -29.51 14.46 15.50
N ALA D 371 -29.58 14.79 14.21
CA ALA D 371 -30.51 15.82 13.74
C ALA D 371 -30.70 15.66 12.24
N THR D 372 -31.94 15.51 11.79
CA THR D 372 -32.26 15.37 10.37
C THR D 372 -33.07 16.55 9.84
N ASP D 373 -34.23 16.82 10.42
CA ASP D 373 -35.14 17.85 9.94
C ASP D 373 -35.07 19.13 10.77
N SER D 374 -35.19 19.00 12.09
CA SER D 374 -35.05 20.13 13.00
C SER D 374 -34.13 19.73 14.14
N LEU D 375 -33.46 20.72 14.72
CA LEU D 375 -32.57 20.50 15.86
C LEU D 375 -33.29 20.92 17.13
N SER D 376 -33.52 19.97 18.03
CA SER D 376 -34.26 20.24 19.24
C SER D 376 -33.48 21.17 20.16
N SER D 377 -34.22 21.96 20.96
CA SER D 377 -33.59 22.87 21.90
C SER D 377 -32.85 22.12 23.01
N ASP D 378 -33.23 20.87 23.29
CA ASP D 378 -32.58 20.12 24.36
C ASP D 378 -31.10 19.95 24.07
N GLN D 379 -30.76 19.46 22.88
CA GLN D 379 -29.35 19.31 22.51
C GLN D 379 -28.70 20.64 22.18
N SER D 380 -29.48 21.62 21.72
CA SER D 380 -28.93 22.95 21.48
C SER D 380 -28.30 23.51 22.74
N VAL D 381 -28.94 23.29 23.89
CA VAL D 381 -28.32 23.64 25.17
C VAL D 381 -27.14 22.72 25.46
N SER D 382 -27.35 21.41 25.30
CA SER D 382 -26.34 20.43 25.70
C SER D 382 -25.05 20.58 24.91
N ILE D 383 -25.15 20.87 23.62
CA ILE D 383 -23.96 21.06 22.79
C ILE D 383 -23.14 22.23 23.33
N SER D 384 -23.80 23.33 23.66
CA SER D 384 -23.09 24.49 24.18
C SER D 384 -22.63 24.28 25.62
N LYS D 385 -23.32 23.43 26.38
CA LYS D 385 -22.90 23.15 27.75
C LYS D 385 -21.54 22.47 27.79
N VAL D 386 -21.31 21.51 26.88
CA VAL D 386 -20.02 20.82 26.82
C VAL D 386 -19.06 21.48 25.84
N LEU D 387 -19.53 22.40 25.01
CA LEU D 387 -18.66 23.06 24.04
C LEU D 387 -17.52 23.76 24.74
N ASP D 388 -16.30 23.45 24.34
CA ASP D 388 -15.13 24.10 24.91
C ASP D 388 -15.15 25.59 24.57
N LYS D 389 -14.43 26.37 25.38
CA LYS D 389 -14.39 27.81 25.18
C LYS D 389 -13.85 28.19 23.81
N ASP D 390 -13.09 27.31 23.16
CA ASP D 390 -12.55 27.60 21.83
C ASP D 390 -13.61 27.54 20.74
N ASN D 391 -14.86 27.26 21.07
CA ASN D 391 -15.97 27.22 20.12
C ASN D 391 -15.79 26.11 19.09
N GLY D 392 -15.09 25.03 19.47
CA GLY D 392 -14.97 23.89 18.60
C GLY D 392 -13.98 24.08 17.45
N GLU D 393 -13.40 22.98 16.99
CA GLU D 393 -12.43 23.01 15.90
C GLU D 393 -12.80 22.14 14.71
N ASN D 394 -13.82 21.29 14.82
CA ASN D 394 -14.20 20.42 13.72
C ASN D 394 -15.69 20.12 13.80
N LEU D 395 -16.33 20.11 12.64
CA LEU D 395 -17.75 19.74 12.53
C LEU D 395 -17.89 18.90 11.26
N VAL D 396 -18.18 17.62 11.44
CA VAL D 396 -18.26 16.67 10.33
C VAL D 396 -19.72 16.33 10.12
N GLN D 397 -20.31 16.84 9.04
CA GLN D 397 -21.65 16.44 8.62
C GLN D 397 -21.53 15.14 7.85
N VAL D 398 -21.88 14.03 8.50
CA VAL D 398 -21.74 12.70 7.92
C VAL D 398 -23.08 12.37 7.26
N GLY D 399 -23.12 12.46 5.93
CA GLY D 399 -24.30 12.11 5.18
C GLY D 399 -24.95 13.33 4.54
N LYS D 400 -25.71 13.06 3.48
CA LYS D 400 -26.48 14.07 2.76
C LYS D 400 -27.94 14.03 3.19
N GLY D 401 -28.58 15.19 3.18
CA GLY D 401 -29.98 15.30 3.52
C GLY D 401 -30.28 16.09 4.77
N ILE D 402 -29.27 16.52 5.53
CA ILE D 402 -29.52 17.36 6.70
C ILE D 402 -30.01 18.72 6.24
N ALA D 403 -31.09 19.19 6.86
CA ALA D 403 -31.71 20.45 6.44
C ALA D 403 -30.75 21.61 6.63
N THR D 404 -30.85 22.60 5.74
CA THR D 404 -29.99 23.77 5.83
C THR D 404 -30.23 24.54 7.12
N SER D 405 -31.48 24.57 7.59
CA SER D 405 -31.77 25.22 8.86
C SER D 405 -31.02 24.55 10.00
N VAL D 406 -30.97 23.22 10.01
CA VAL D 406 -30.23 22.50 11.04
C VAL D 406 -28.74 22.80 10.93
N ILE D 407 -28.21 22.70 9.71
CA ILE D 407 -26.78 22.95 9.51
C ILE D 407 -26.42 24.37 9.89
N ASN D 408 -27.24 25.34 9.46
CA ASN D 408 -27.00 26.72 9.84
C ASN D 408 -27.11 26.89 11.35
N LYS D 409 -28.15 26.31 11.96
CA LYS D 409 -28.28 26.39 13.41
C LYS D 409 -27.08 25.74 14.11
N LEU D 410 -26.63 24.59 13.61
CA LEU D 410 -25.45 23.95 14.17
C LEU D 410 -24.23 24.83 14.01
N LYS D 411 -24.10 25.50 12.87
CA LYS D 411 -22.98 26.43 12.67
C LYS D 411 -23.10 27.63 13.59
N ASP D 412 -24.33 28.11 13.83
CA ASP D 412 -24.50 29.23 14.75
C ASP D 412 -24.10 28.84 16.17
N LEU D 413 -24.46 27.63 16.61
CA LEU D 413 -24.10 27.20 17.96
C LEU D 413 -22.63 26.83 18.07
N LEU D 414 -22.01 26.41 16.97
CA LEU D 414 -20.60 26.04 16.99
C LEU D 414 -19.68 27.21 16.67
N SER D 415 -20.04 28.03 15.69
CA SER D 415 -19.21 29.18 15.32
C SER D 415 -19.77 30.46 15.91
#